data_7VIH
#
_entry.id   7VIH
#
_cell.length_a   1.00
_cell.length_b   1.00
_cell.length_c   1.00
_cell.angle_alpha   90.00
_cell.angle_beta   90.00
_cell.angle_gamma   90.00
#
_symmetry.space_group_name_H-M   'P 1'
#
loop_
_entity.id
_entity.type
_entity.pdbx_description
1 polymer 'Guanine nucleotide-binding protein G(I)/G(S)/G(T) subunit beta-1'
2 polymer 'Guanine nucleotide-binding protein G(I)/G(S)/G(O) subunit gamma-2'
3 polymer scFv16
4 polymer 'Sphingosine 1-phosphate receptor 1'
5 polymer 'Guanine nucleotide-binding protein G(i) subunit alpha-1'
6 non-polymer '1-[[2-fluoranyl-4-[5-[4-(2-methylpropyl)phenyl]-1,2,4-oxadiazol-3-yl]phenyl]methyl]azetidine-3-carboxylic acid'
#
loop_
_entity_poly.entity_id
_entity_poly.type
_entity_poly.pdbx_seq_one_letter_code
_entity_poly.pdbx_strand_id
1 'polypeptide(L)'
;HHHHHHLEVLFQGPGSSGSELDQLRQEAEQLKNQIRDARKACADATLSQITNNIDPVGRIQMRTRRTLRGHLAKIYAMHW
GTDSRLLVSASQDGKLIIWDSYTTNKVHAIPLRSSWVMTCAYAPSGNYVACGGLDNICSIYNLKTREGNVRVSRELAGHT
GYLSCCRFLDDNQIVTSSGDTTCALWDIETGQQTTTFTGHTGDVMSLSLAPDTRLFVSGACDASAKLWDVREGMCRQTFT
GHESDINAICFFPNGNAFATGSDDATCRLFDLRADQELMTYSHDNIICGITSVSFSKSGRLLLAGYDDFNCNVWDALKAD
RAGVLAGHDNRVSCLGVTDDGMAVATGSWDSFLKIWN
;
A
2 'polypeptide(L)' MASNNTASIAQARKLVEQLKMEANIDRIKVSKAAADLMAYCEAHAKEDPLLTPVPASENPFREKKFFCAIL C
3 'polypeptide(L)'
;DVQLVESGGGLVQPGGSRKLSCSASGFAFSSFGMHWVRQAPEKGLEWVAYISSGSGTIYYADTVKGRFTISRDDPKNTLF
LQMTSLRSEDTAMYYCVRSIYYYGSSPFDFWGQGTTLTVSSGGGGSGGGGSGGGGSDIVMTQATSSVPVTPGESVSISCR
SSKSLLHSNGNTYLYWFLQRPGQSPQLLIYRMSNLASGVPDRFSGSGSGTAFTLTISRLEAEDVGVYYCMQHLEYPLTFG
AGTKLELKAAA
;
E
4 'polypeptide(L)'
;MGPTSVPLVKAHRSSVSDYVNYDIIVRHYNYTGKLNISADKENSIKLTSVVFILICCFIILENIFVLLTIWKTKKFHRPM
YYFIGNLALSDLLAGVAYTANLLLSGATTYKLTPAQWFLREGSMFVALSASVFSLLAIAIERYITMLKMKLHNGSNNFRL
FLLISACWVISLILGGLPIMGWNCISALSSCSTVLPLYHKHYILFCTTVFTLLLLSIVILYCRIYSLVRTRSRRLTFRKN
ISKASRSSEKSLALLKTVIIVLSVFIACWAPLFILLLLDVGCKVKTCDILFRAEYFLVLAVLNSGTNPIIYTLTNKEMRR
AFIRIMSCCKCPSGDSAGKFKRPIIAGMEFSRSKSDNSSHPQKDEGDNPETIMSSGNVNSSSLEHHHHHHHHHH
;
F
5 'polypeptide(L)'
;MGCTLSAEDKAAVERSKMIDRNLREDGEKAAREVKLLLLGAGESGKSTIVKQMKIIHEAGYSEEECKQYKAVVYSNTIQS
IIAIIRAMGRLKIDFGDSARADDARQLFVLAGAAEEGFMTAELAGVIKRLWKDSGVQACFNRSREYQLNDSAAYYLNDLD
RIAQPNYIPTQQDVLRTRVKTTGIVETHFTFKDLHFKMFDVGGQRSERKKWIHCFEGVTAIIFCVALSDYDLVLAEDEEM
NRMHESMKLFDSICNNKWFTDTSIILFLNKKDLFEEKIKKSPLTICYPEYAGSNTYEEAAAYIQCQFEDLNKRKDTKEIY
THFTCATDTKNVQFVFDAVTDVIIKNNLKDCGLF
;
D
#
loop_
_chem_comp.id
_chem_comp.type
_chem_comp.name
_chem_comp.formula
7I4 non-polymer '1-[[2-fluoranyl-4-[5-[4-(2-methylpropyl)phenyl]-1,2,4-oxadiazol-3-yl]phenyl]methyl]azetidine-3-carboxylic acid' 'C23 H24 F N3 O3'
#
# COMPACT_ATOMS: atom_id res chain seq x y z
N GLU A 20 11.03 54.83 7.19
CA GLU A 20 11.21 54.52 5.78
C GLU A 20 10.45 53.25 5.40
N LEU A 21 10.33 52.33 6.36
CA LEU A 21 9.60 51.10 6.12
C LEU A 21 8.13 51.37 5.81
N ASP A 22 7.52 52.32 6.52
CA ASP A 22 6.12 52.65 6.27
C ASP A 22 5.94 53.20 4.85
N GLN A 23 6.84 54.09 4.43
CA GLN A 23 6.76 54.64 3.08
C GLN A 23 6.94 53.54 2.03
N LEU A 24 7.86 52.61 2.28
CA LEU A 24 8.10 51.53 1.33
C LEU A 24 6.89 50.60 1.23
N ARG A 25 6.26 50.29 2.36
CA ARG A 25 5.09 49.41 2.30
C ARG A 25 3.89 50.13 1.70
N GLN A 26 3.80 51.45 1.88
CA GLN A 26 2.77 52.21 1.18
C GLN A 26 3.00 52.19 -0.33
N GLU A 27 4.25 52.30 -0.76
CA GLU A 27 4.56 52.16 -2.17
C GLU A 27 4.23 50.77 -2.68
N ALA A 28 4.49 49.74 -1.88
CA ALA A 28 4.13 48.38 -2.26
C ALA A 28 2.62 48.23 -2.42
N GLU A 29 1.86 48.83 -1.51
CA GLU A 29 0.40 48.82 -1.62
C GLU A 29 -0.07 49.57 -2.86
N GLN A 30 0.58 50.69 -3.18
CA GLN A 30 0.23 51.42 -4.40
C GLN A 30 0.49 50.57 -5.63
N LEU A 31 1.61 49.86 -5.65
CA LEU A 31 1.92 48.96 -6.76
C LEU A 31 0.90 47.82 -6.85
N LYS A 32 0.49 47.28 -5.71
CA LYS A 32 -0.53 46.24 -5.72
C LYS A 32 -1.86 46.76 -6.26
N ASN A 33 -2.24 47.98 -5.86
CA ASN A 33 -3.46 48.59 -6.38
C ASN A 33 -3.36 48.83 -7.88
N GLN A 34 -2.18 49.27 -8.36
CA GLN A 34 -2.00 49.47 -9.79
C GLN A 34 -2.11 48.15 -10.55
N ILE A 35 -1.54 47.08 -10.00
CA ILE A 35 -1.66 45.76 -10.63
C ILE A 35 -3.12 45.32 -10.65
N ARG A 36 -3.84 45.52 -9.55
CA ARG A 36 -5.24 45.13 -9.51
C ARG A 36 -6.07 45.92 -10.51
N ASP A 37 -5.80 47.23 -10.63
CA ASP A 37 -6.51 48.04 -11.62
C ASP A 37 -6.20 47.60 -13.04
N ALA A 38 -4.93 47.26 -13.31
CA ALA A 38 -4.57 46.77 -14.63
C ALA A 38 -5.28 45.45 -14.94
N ARG A 39 -5.36 44.56 -13.95
CA ARG A 39 -6.06 43.30 -14.14
C ARG A 39 -7.54 43.51 -14.40
N LYS A 40 -8.16 44.42 -13.65
CA LYS A 40 -9.59 44.70 -13.85
C LYS A 40 -9.84 45.33 -15.20
N ALA A 41 -8.93 46.20 -15.65
CA ALA A 41 -9.10 46.85 -16.95
C ALA A 41 -9.08 45.84 -18.09
N CYS A 42 -8.16 44.88 -18.03
CA CYS A 42 -8.06 43.86 -19.08
C CYS A 42 -8.93 42.64 -18.77
N ALA A 43 -10.20 42.89 -18.41
CA ALA A 43 -11.18 41.83 -18.20
C ALA A 43 -12.50 42.30 -18.79
N ASP A 44 -12.71 42.00 -20.07
CA ASP A 44 -13.91 42.45 -20.77
C ASP A 44 -15.03 41.42 -20.69
N ALA A 45 -14.69 40.14 -20.72
CA ALA A 45 -15.68 39.07 -20.61
C ALA A 45 -15.12 37.96 -19.75
N THR A 46 -16.01 37.23 -19.08
CA THR A 46 -15.60 36.10 -18.26
C THR A 46 -15.49 34.85 -19.10
N LEU A 47 -14.73 33.87 -18.59
CA LEU A 47 -14.58 32.59 -19.29
C LEU A 47 -15.93 31.90 -19.42
N SER A 48 -16.83 32.09 -18.46
CA SER A 48 -18.15 31.47 -18.51
C SER A 48 -19.03 32.07 -19.60
N GLN A 49 -18.64 33.18 -20.21
CA GLN A 49 -19.41 33.78 -21.28
C GLN A 49 -18.97 33.33 -22.67
N ILE A 50 -17.65 33.23 -22.91
CA ILE A 50 -17.18 32.69 -24.18
C ILE A 50 -17.50 31.20 -24.28
N THR A 51 -17.22 30.45 -23.21
CA THR A 51 -17.53 29.02 -23.17
C THR A 51 -18.91 28.85 -22.55
N ASN A 52 -19.90 29.41 -23.23
CA ASN A 52 -21.30 29.30 -22.82
C ASN A 52 -22.16 28.60 -23.86
N ASN A 53 -21.96 28.88 -25.15
CA ASN A 53 -22.72 28.26 -26.21
C ASN A 53 -22.11 26.97 -26.74
N ILE A 54 -20.94 26.58 -26.23
CA ILE A 54 -20.27 25.37 -26.70
C ILE A 54 -20.99 24.15 -26.15
N ASP A 55 -20.84 23.03 -26.85
CA ASP A 55 -21.51 21.80 -26.44
C ASP A 55 -20.92 21.30 -25.13
N PRO A 56 -21.73 20.82 -24.20
CA PRO A 56 -21.20 20.27 -22.95
C PRO A 56 -20.41 19.00 -23.19
N VAL A 57 -19.48 18.73 -22.28
CA VAL A 57 -18.65 17.53 -22.40
C VAL A 57 -19.50 16.27 -22.28
N GLY A 58 -20.54 16.31 -21.46
CA GLY A 58 -21.37 15.16 -21.22
C GLY A 58 -20.86 14.31 -20.07
N ARG A 59 -21.66 13.30 -19.71
CA ARG A 59 -21.30 12.41 -18.63
C ARG A 59 -20.07 11.60 -18.98
N ILE A 60 -19.02 11.73 -18.17
CA ILE A 60 -17.75 11.05 -18.40
C ILE A 60 -17.67 9.89 -17.41
N GLN A 61 -17.70 8.67 -17.92
CA GLN A 61 -17.68 7.47 -17.10
C GLN A 61 -16.42 6.68 -17.39
N MET A 62 -15.64 6.41 -16.35
CA MET A 62 -14.40 5.66 -16.46
C MET A 62 -14.43 4.50 -15.48
N ARG A 63 -14.09 3.31 -15.96
CA ARG A 63 -13.98 2.14 -15.11
C ARG A 63 -12.52 1.86 -14.77
N THR A 64 -12.32 1.16 -13.65
CA THR A 64 -10.99 0.71 -13.28
C THR A 64 -10.57 -0.48 -14.12
N ARG A 65 -9.55 -0.28 -14.95
CA ARG A 65 -9.04 -1.35 -15.80
C ARG A 65 -8.01 -2.23 -15.09
N ARG A 66 -7.11 -1.62 -14.32
CA ARG A 66 -6.08 -2.35 -13.61
C ARG A 66 -6.03 -1.86 -12.16
N THR A 67 -5.70 -2.78 -11.26
CA THR A 67 -5.48 -2.47 -9.86
C THR A 67 -4.10 -2.98 -9.47
N LEU A 68 -3.26 -2.08 -8.98
CA LEU A 68 -1.86 -2.39 -8.67
C LEU A 68 -1.74 -2.62 -7.17
N ARG A 69 -1.49 -3.87 -6.78
CA ARG A 69 -1.37 -4.26 -5.39
C ARG A 69 0.08 -4.62 -5.08
N GLY A 70 0.49 -4.34 -3.85
CA GLY A 70 1.86 -4.61 -3.43
C GLY A 70 2.38 -3.57 -2.47
N HIS A 71 1.77 -2.39 -2.46
CA HIS A 71 2.07 -1.40 -1.44
C HIS A 71 1.33 -1.75 -0.15
N LEU A 72 1.99 -1.54 0.98
CA LEU A 72 1.43 -1.88 2.28
C LEU A 72 1.05 -0.66 3.10
N ALA A 73 1.82 0.41 3.03
CA ALA A 73 1.47 1.65 3.70
C ALA A 73 0.76 2.57 2.71
N LYS A 74 0.43 3.79 3.12
CA LYS A 74 -0.33 4.72 2.30
C LYS A 74 0.56 5.34 1.23
N ILE A 75 -0.01 5.50 0.03
CA ILE A 75 0.73 6.02 -1.12
C ILE A 75 0.65 7.54 -1.11
N TYR A 76 1.76 8.20 -1.43
CA TYR A 76 1.79 9.65 -1.44
C TYR A 76 2.02 10.29 -2.80
N ALA A 77 2.67 9.60 -3.74
CA ALA A 77 2.94 10.21 -5.02
C ALA A 77 3.12 9.14 -6.08
N MET A 78 2.94 9.55 -7.33
CA MET A 78 3.24 8.71 -8.47
C MET A 78 3.55 9.61 -9.66
N HIS A 79 4.26 9.04 -10.64
CA HIS A 79 4.55 9.74 -11.88
C HIS A 79 4.63 8.72 -13.00
N TRP A 80 4.05 9.07 -14.15
CA TRP A 80 3.86 8.11 -15.24
C TRP A 80 5.13 7.90 -16.05
N GLY A 81 5.60 8.95 -16.72
CA GLY A 81 6.73 8.80 -17.62
C GLY A 81 6.35 8.89 -19.08
N THR A 82 7.34 9.17 -19.95
CA THR A 82 7.05 9.39 -21.35
C THR A 82 6.64 8.11 -22.07
N ASP A 83 7.12 6.95 -21.61
CA ASP A 83 6.80 5.71 -22.29
C ASP A 83 5.33 5.33 -22.18
N SER A 84 4.58 5.96 -21.28
CA SER A 84 3.15 5.79 -21.09
C SER A 84 2.76 4.39 -20.68
N ARG A 85 3.72 3.52 -20.39
CA ARG A 85 3.45 2.15 -19.96
C ARG A 85 3.93 1.90 -18.54
N LEU A 86 5.19 2.22 -18.24
CA LEU A 86 5.68 2.10 -16.87
C LEU A 86 5.20 3.27 -16.04
N LEU A 87 5.25 3.09 -14.72
CA LEU A 87 4.95 4.17 -13.80
C LEU A 87 5.68 3.89 -12.49
N VAL A 88 5.80 4.92 -11.67
CA VAL A 88 6.50 4.80 -10.39
C VAL A 88 5.57 5.27 -9.28
N SER A 89 5.61 4.56 -8.15
CA SER A 89 4.77 4.89 -7.01
C SER A 89 5.61 4.89 -5.74
N ALA A 90 5.31 5.85 -4.86
CA ALA A 90 6.01 6.02 -3.60
C ALA A 90 5.02 5.92 -2.45
N SER A 91 5.38 5.13 -1.43
CA SER A 91 4.54 4.93 -0.27
C SER A 91 5.38 5.05 1.00
N GLN A 92 4.70 5.23 2.12
CA GLN A 92 5.37 5.42 3.41
C GLN A 92 6.02 4.17 3.95
N ASP A 93 5.80 3.01 3.32
CA ASP A 93 6.43 1.78 3.78
C ASP A 93 7.92 1.76 3.49
N GLY A 94 8.42 2.72 2.72
CA GLY A 94 9.83 2.78 2.38
C GLY A 94 10.20 2.13 1.07
N LYS A 95 9.24 1.83 0.20
CA LYS A 95 9.50 1.17 -1.06
C LYS A 95 9.01 2.05 -2.21
N LEU A 96 9.86 2.18 -3.22
CA LEU A 96 9.53 2.87 -4.46
C LEU A 96 9.36 1.82 -5.54
N ILE A 97 8.13 1.65 -6.03
CA ILE A 97 7.80 0.51 -6.89
C ILE A 97 7.54 1.01 -8.30
N ILE A 98 8.23 0.42 -9.27
CA ILE A 98 7.97 0.70 -10.68
C ILE A 98 7.05 -0.40 -11.22
N TRP A 99 5.88 0.01 -11.70
CA TRP A 99 4.87 -0.91 -12.20
C TRP A 99 4.82 -0.88 -13.71
N ASP A 100 4.61 -2.05 -14.31
CA ASP A 100 4.25 -2.19 -15.71
C ASP A 100 2.72 -2.16 -15.76
N SER A 101 2.15 -0.98 -16.04
CA SER A 101 0.71 -0.80 -15.92
C SER A 101 -0.06 -1.71 -16.86
N TYR A 102 0.53 -2.07 -18.00
CA TYR A 102 -0.17 -2.93 -18.96
C TYR A 102 -0.44 -4.30 -18.36
N THR A 103 0.52 -4.86 -17.64
CA THR A 103 0.41 -6.20 -17.08
C THR A 103 0.49 -6.25 -15.56
N THR A 104 0.49 -5.10 -14.88
CA THR A 104 0.57 -5.01 -13.43
C THR A 104 1.83 -5.65 -12.86
N ASN A 105 2.84 -5.88 -13.69
CA ASN A 105 4.10 -6.45 -13.22
C ASN A 105 4.94 -5.41 -12.50
N LYS A 106 5.66 -5.84 -11.47
CA LYS A 106 6.56 -4.96 -10.74
C LYS A 106 7.94 -5.07 -11.38
N VAL A 107 8.33 -4.03 -12.12
CA VAL A 107 9.63 -4.05 -12.79
C VAL A 107 10.75 -3.90 -11.77
N HIS A 108 10.61 -2.97 -10.83
CA HIS A 108 11.62 -2.74 -9.80
C HIS A 108 10.93 -2.41 -8.48
N ALA A 109 11.61 -2.74 -7.39
CA ALA A 109 11.19 -2.37 -6.05
C ALA A 109 12.41 -1.86 -5.30
N ILE A 110 12.52 -0.54 -5.16
CA ILE A 110 13.70 0.10 -4.58
C ILE A 110 13.44 0.31 -3.09
N PRO A 111 14.27 -0.24 -2.20
CA PRO A 111 14.14 0.06 -0.77
C PRO A 111 14.70 1.45 -0.47
N LEU A 112 13.82 2.37 -0.06
CA LEU A 112 14.23 3.74 0.19
C LEU A 112 14.98 3.84 1.52
N ARG A 113 16.00 4.70 1.53
CA ARG A 113 16.76 4.92 2.75
C ARG A 113 15.89 5.56 3.83
N SER A 114 15.05 6.51 3.44
CA SER A 114 14.13 7.17 4.37
C SER A 114 12.71 6.77 4.00
N SER A 115 11.97 6.22 4.97
CA SER A 115 10.62 5.75 4.72
C SER A 115 9.64 6.89 4.45
N TRP A 116 9.94 8.10 4.92
CA TRP A 116 9.02 9.23 4.82
C TRP A 116 9.27 9.97 3.51
N VAL A 117 8.53 9.57 2.47
CA VAL A 117 8.60 10.19 1.16
C VAL A 117 7.23 10.74 0.80
N MET A 118 7.20 11.96 0.28
CA MET A 118 5.97 12.62 -0.11
C MET A 118 5.91 12.97 -1.59
N THR A 119 6.97 12.67 -2.35
CA THR A 119 7.00 12.98 -3.77
C THR A 119 7.87 11.96 -4.49
N CYS A 120 7.64 11.84 -5.79
CA CYS A 120 8.45 10.98 -6.63
C CYS A 120 8.30 11.43 -8.08
N ALA A 121 9.38 11.31 -8.84
CA ALA A 121 9.38 11.67 -10.25
C ALA A 121 10.09 10.61 -11.07
N TYR A 122 9.66 10.47 -12.32
CA TYR A 122 10.25 9.52 -13.25
C TYR A 122 10.80 10.29 -14.44
N ALA A 123 12.08 10.08 -14.75
CA ALA A 123 12.76 10.90 -15.74
C ALA A 123 12.14 10.71 -17.12
N PRO A 124 12.14 11.76 -17.95
CA PRO A 124 11.59 11.63 -19.30
C PRO A 124 12.29 10.57 -20.15
N SER A 125 13.60 10.41 -19.98
CA SER A 125 14.31 9.35 -20.69
C SER A 125 14.02 7.99 -20.10
N GLY A 126 13.67 7.93 -18.82
CA GLY A 126 13.40 6.69 -18.14
C GLY A 126 14.57 6.05 -17.45
N ASN A 127 15.77 6.64 -17.58
CA ASN A 127 16.97 6.06 -16.97
C ASN A 127 17.11 6.37 -15.49
N TYR A 128 16.35 7.33 -14.97
CA TYR A 128 16.48 7.74 -13.58
C TYR A 128 15.09 7.89 -12.97
N VAL A 129 15.04 7.77 -11.65
CA VAL A 129 13.82 7.99 -10.88
C VAL A 129 14.17 8.80 -9.64
N ALA A 130 13.32 9.77 -9.31
CA ALA A 130 13.59 10.65 -8.18
C ALA A 130 12.56 10.46 -7.09
N CYS A 131 12.99 10.69 -5.84
CA CYS A 131 12.07 10.63 -4.71
C CYS A 131 12.57 11.59 -3.64
N GLY A 132 11.64 12.01 -2.78
CA GLY A 132 12.00 12.92 -1.70
C GLY A 132 10.88 12.98 -0.68
N GLY A 133 11.19 13.57 0.47
CA GLY A 133 10.22 13.68 1.53
C GLY A 133 10.69 14.41 2.76
N LEU A 134 10.37 13.85 3.94
CA LEU A 134 10.67 14.49 5.20
C LEU A 134 12.15 14.51 5.53
N ASP A 135 12.98 13.79 4.76
CA ASP A 135 14.42 13.77 5.02
C ASP A 135 15.15 14.95 4.41
N ASN A 136 14.45 15.85 3.70
CA ASN A 136 15.01 17.05 3.09
C ASN A 136 16.06 16.74 2.03
N ILE A 137 16.07 15.52 1.49
CA ILE A 137 17.05 15.10 0.51
C ILE A 137 16.31 14.52 -0.69
N CYS A 138 16.72 14.91 -1.89
CA CYS A 138 16.16 14.38 -3.12
C CYS A 138 17.10 13.29 -3.65
N SER A 139 16.62 12.06 -3.69
CA SER A 139 17.42 10.92 -4.12
C SER A 139 17.06 10.55 -5.55
N ILE A 140 18.08 10.50 -6.41
CA ILE A 140 17.94 10.08 -7.80
C ILE A 140 18.60 8.71 -7.93
N TYR A 141 17.83 7.74 -8.42
CA TYR A 141 18.27 6.36 -8.57
C TYR A 141 18.40 6.05 -10.05
N ASN A 142 19.50 5.38 -10.41
CA ASN A 142 19.78 4.99 -11.79
C ASN A 142 19.10 3.65 -12.07
N LEU A 143 18.08 3.67 -12.93
CA LEU A 143 17.37 2.44 -13.26
C LEU A 143 18.19 1.55 -14.18
N LYS A 144 18.88 2.13 -15.17
CA LYS A 144 19.64 1.36 -16.15
C LYS A 144 21.08 1.22 -15.66
N THR A 145 21.26 0.32 -14.70
CA THR A 145 22.57 0.05 -14.12
C THR A 145 23.17 -1.20 -14.75
N ARG A 146 24.49 -1.14 -14.99
CA ARG A 146 25.18 -2.28 -15.58
C ARG A 146 25.17 -3.48 -14.64
N GLU A 147 25.13 -3.25 -13.33
CA GLU A 147 25.09 -4.32 -12.35
C GLU A 147 23.75 -5.04 -12.30
N GLY A 148 22.71 -4.49 -12.91
CA GLY A 148 21.41 -5.13 -12.93
C GLY A 148 20.48 -4.74 -11.80
N ASN A 149 20.98 -4.04 -10.78
CA ASN A 149 20.17 -3.56 -9.68
C ASN A 149 19.86 -2.08 -9.87
N VAL A 150 19.27 -1.45 -8.86
CA VAL A 150 19.02 -0.02 -8.86
C VAL A 150 19.85 0.62 -7.76
N ARG A 151 20.70 1.57 -8.13
CA ARG A 151 21.60 2.24 -7.21
C ARG A 151 21.20 3.70 -7.06
N VAL A 152 21.53 4.27 -5.91
CA VAL A 152 21.30 5.69 -5.66
C VAL A 152 22.31 6.49 -6.45
N SER A 153 21.90 7.02 -7.61
CA SER A 153 22.83 7.76 -8.46
C SER A 153 23.31 9.03 -7.78
N ARG A 154 22.42 9.75 -7.10
CA ARG A 154 22.78 11.03 -6.52
C ARG A 154 21.87 11.34 -5.35
N GLU A 155 22.42 12.07 -4.37
CA GLU A 155 21.65 12.58 -3.23
C GLU A 155 21.83 14.09 -3.19
N LEU A 156 20.73 14.82 -3.32
CA LEU A 156 20.76 16.28 -3.34
C LEU A 156 20.28 16.80 -1.98
N ALA A 157 21.15 17.54 -1.30
CA ALA A 157 20.85 18.14 -0.01
C ALA A 157 21.12 19.64 -0.06
N GLY A 158 20.45 20.36 0.83
CA GLY A 158 20.54 21.81 0.87
C GLY A 158 19.23 22.47 1.21
N HIS A 159 18.13 21.79 0.92
CA HIS A 159 16.82 22.26 1.36
C HIS A 159 16.68 22.09 2.87
N THR A 160 16.09 23.10 3.51
CA THR A 160 15.84 23.07 4.94
C THR A 160 14.40 22.69 5.27
N GLY A 161 13.63 22.27 4.27
CA GLY A 161 12.27 21.82 4.51
C GLY A 161 11.98 20.56 3.71
N TYR A 162 10.89 19.90 4.08
CA TYR A 162 10.49 18.66 3.44
C TYR A 162 10.24 18.87 1.95
N LEU A 163 10.69 17.93 1.14
CA LEU A 163 10.42 17.99 -0.29
C LEU A 163 8.98 17.61 -0.57
N SER A 164 8.24 18.54 -1.21
CA SER A 164 6.85 18.30 -1.53
C SER A 164 6.62 17.92 -2.99
N CYS A 165 7.52 18.32 -3.88
CA CYS A 165 7.42 17.94 -5.28
C CYS A 165 8.81 18.04 -5.92
N CYS A 166 8.97 17.32 -7.02
CA CYS A 166 10.21 17.34 -7.78
C CYS A 166 9.93 16.81 -9.18
N ARG A 167 10.51 17.46 -10.18
CA ARG A 167 10.32 17.07 -11.57
C ARG A 167 11.62 17.21 -12.33
N PHE A 168 11.76 16.42 -13.38
CA PHE A 168 12.98 16.35 -14.17
C PHE A 168 12.88 17.28 -15.37
N LEU A 169 13.82 18.21 -15.49
CA LEU A 169 13.99 18.91 -16.76
C LEU A 169 14.59 17.98 -17.81
N ASP A 170 15.66 17.27 -17.44
CA ASP A 170 16.31 16.30 -18.29
C ASP A 170 17.09 15.34 -17.40
N ASP A 171 17.99 14.56 -18.01
CA ASP A 171 18.77 13.60 -17.24
C ASP A 171 19.75 14.25 -16.27
N ASN A 172 20.02 15.55 -16.43
CA ASN A 172 21.04 16.21 -15.63
C ASN A 172 20.53 17.35 -14.75
N GLN A 173 19.34 17.88 -15.03
CA GLN A 173 18.81 19.01 -14.27
C GLN A 173 17.48 18.61 -13.66
N ILE A 174 17.25 19.03 -12.40
CA ILE A 174 16.02 18.71 -11.69
C ILE A 174 15.51 19.96 -10.98
N VAL A 175 14.19 20.06 -10.85
CA VAL A 175 13.56 21.17 -10.13
C VAL A 175 12.83 20.56 -8.93
N THR A 176 13.08 21.13 -7.75
CA THR A 176 12.53 20.60 -6.50
C THR A 176 11.85 21.71 -5.73
N SER A 177 10.71 21.40 -5.11
CA SER A 177 10.02 22.32 -4.22
C SER A 177 10.02 21.76 -2.82
N SER A 178 10.30 22.60 -1.83
CA SER A 178 10.38 22.17 -0.44
C SER A 178 9.55 23.09 0.44
N GLY A 179 9.43 22.71 1.70
CA GLY A 179 8.66 23.44 2.68
C GLY A 179 9.34 24.65 3.27
N ASP A 180 10.55 24.97 2.81
CA ASP A 180 11.26 26.15 3.26
C ASP A 180 10.91 27.39 2.44
N THR A 181 9.75 27.39 1.80
CA THR A 181 9.25 28.51 1.00
C THR A 181 10.13 28.83 -0.20
N THR A 182 11.00 27.91 -0.61
CA THR A 182 11.89 28.14 -1.74
C THR A 182 11.85 26.93 -2.66
N CYS A 183 12.14 27.18 -3.94
CA CYS A 183 12.35 26.13 -4.93
C CYS A 183 13.81 26.12 -5.34
N ALA A 184 14.24 25.01 -5.95
CA ALA A 184 15.64 24.88 -6.31
C ALA A 184 15.77 24.19 -7.66
N LEU A 185 16.77 24.63 -8.41
CA LEU A 185 17.18 24.02 -9.67
C LEU A 185 18.57 23.44 -9.48
N TRP A 186 18.66 22.11 -9.54
CA TRP A 186 19.88 21.35 -9.25
C TRP A 186 20.46 20.80 -10.54
N ASP A 187 21.79 20.85 -10.64
CA ASP A 187 22.53 20.08 -11.63
C ASP A 187 22.92 18.75 -10.97
N ILE A 188 22.41 17.65 -11.53
CA ILE A 188 22.57 16.35 -10.87
C ILE A 188 24.04 15.92 -10.86
N GLU A 189 24.75 16.17 -11.96
CA GLU A 189 26.12 15.69 -12.08
C GLU A 189 27.02 16.30 -11.00
N THR A 190 26.89 17.60 -10.76
CA THR A 190 27.70 18.25 -9.73
C THR A 190 27.05 18.20 -8.36
N GLY A 191 25.72 18.04 -8.31
CA GLY A 191 25.01 17.95 -7.05
C GLY A 191 24.74 19.27 -6.35
N GLN A 192 24.99 20.39 -7.01
CA GLN A 192 24.79 21.71 -6.42
C GLN A 192 23.53 22.35 -6.96
N GLN A 193 23.05 23.37 -6.24
CA GLN A 193 21.88 24.15 -6.66
C GLN A 193 22.35 25.19 -7.66
N THR A 194 22.02 24.99 -8.94
CA THR A 194 22.33 26.00 -9.94
C THR A 194 21.50 27.26 -9.71
N THR A 195 20.22 27.09 -9.31
CA THR A 195 19.35 28.25 -9.11
C THR A 195 18.52 28.05 -7.85
N THR A 196 18.18 29.15 -7.19
CA THR A 196 17.28 29.16 -6.05
C THR A 196 16.18 30.17 -6.29
N PHE A 197 14.93 29.72 -6.21
CA PHE A 197 13.75 30.54 -6.46
C PHE A 197 13.12 30.90 -5.13
N THR A 198 13.14 32.19 -4.80
CA THR A 198 12.60 32.71 -3.55
C THR A 198 11.49 33.72 -3.83
N GLY A 199 10.66 33.95 -2.82
CA GLY A 199 9.56 34.88 -2.96
C GLY A 199 8.29 34.41 -2.28
N HIS A 200 8.10 33.09 -2.20
CA HIS A 200 6.96 32.54 -1.50
C HIS A 200 7.09 32.79 0.00
N THR A 201 5.97 33.17 0.63
CA THR A 201 5.92 33.35 2.08
C THR A 201 5.32 32.16 2.80
N GLY A 202 5.07 31.05 2.09
CA GLY A 202 4.56 29.84 2.69
C GLY A 202 5.18 28.62 2.05
N ASP A 203 4.96 27.47 2.69
CA ASP A 203 5.55 26.23 2.20
C ASP A 203 5.01 25.88 0.83
N VAL A 204 5.92 25.59 -0.10
CA VAL A 204 5.56 25.22 -1.46
C VAL A 204 5.18 23.75 -1.48
N MET A 205 3.96 23.45 -1.94
CA MET A 205 3.43 22.10 -1.88
C MET A 205 3.53 21.34 -3.20
N SER A 206 3.64 22.05 -4.33
CA SER A 206 3.71 21.37 -5.62
C SER A 206 4.30 22.32 -6.65
N LEU A 207 4.76 21.73 -7.75
CA LEU A 207 5.23 22.49 -8.90
C LEU A 207 4.86 21.76 -10.17
N SER A 208 4.85 22.50 -11.28
CA SER A 208 4.51 21.95 -12.58
C SER A 208 5.37 22.62 -13.64
N LEU A 209 6.06 21.83 -14.44
CA LEU A 209 6.90 22.35 -15.50
C LEU A 209 6.09 22.53 -16.79
N ALA A 210 6.40 23.60 -17.51
CA ALA A 210 5.79 23.84 -18.80
C ALA A 210 6.28 22.80 -19.81
N PRO A 211 5.50 22.53 -20.86
CA PRO A 211 5.95 21.54 -21.86
C PRO A 211 7.29 21.88 -22.50
N ASP A 212 7.57 23.18 -22.69
CA ASP A 212 8.83 23.60 -23.28
C ASP A 212 9.96 23.70 -22.26
N THR A 213 9.67 23.45 -20.98
CA THR A 213 10.67 23.48 -19.90
C THR A 213 11.39 24.83 -19.83
N ARG A 214 10.68 25.90 -20.14
CA ARG A 214 11.21 27.26 -20.04
C ARG A 214 10.68 28.01 -18.83
N LEU A 215 9.52 27.59 -18.30
CA LEU A 215 8.88 28.23 -17.16
C LEU A 215 8.29 27.13 -16.29
N PHE A 216 8.01 27.48 -15.04
CA PHE A 216 7.29 26.54 -14.18
C PHE A 216 6.55 27.30 -13.09
N VAL A 217 5.40 26.77 -12.69
CA VAL A 217 4.54 27.37 -11.68
C VAL A 217 4.70 26.58 -10.39
N SER A 218 4.73 27.29 -9.26
CA SER A 218 4.81 26.68 -7.95
C SER A 218 3.70 27.21 -7.07
N GLY A 219 2.92 26.32 -6.48
CA GLY A 219 1.87 26.69 -5.54
C GLY A 219 2.33 26.45 -4.11
N ALA A 220 2.06 27.41 -3.25
CA ALA A 220 2.55 27.38 -1.88
C ALA A 220 1.39 27.51 -0.90
N CYS A 221 1.74 27.58 0.38
CA CYS A 221 0.77 27.72 1.47
C CYS A 221 0.35 29.17 1.69
N ASP A 222 0.91 30.12 0.95
CA ASP A 222 0.51 31.51 1.05
C ASP A 222 -0.69 31.84 0.17
N ALA A 223 -1.43 30.81 -0.28
CA ALA A 223 -2.60 30.98 -1.12
C ALA A 223 -2.29 31.72 -2.43
N SER A 224 -1.08 31.52 -2.96
CA SER A 224 -0.69 32.14 -4.22
C SER A 224 0.22 31.19 -4.99
N ALA A 225 0.16 31.29 -6.31
CA ALA A 225 0.98 30.49 -7.21
C ALA A 225 1.89 31.43 -7.99
N LYS A 226 3.18 31.13 -8.01
CA LYS A 226 4.16 31.98 -8.65
C LYS A 226 4.76 31.30 -9.87
N LEU A 227 4.94 32.09 -10.93
CA LEU A 227 5.53 31.62 -12.17
C LEU A 227 7.00 32.03 -12.21
N TRP A 228 7.89 31.05 -12.39
CA TRP A 228 9.33 31.27 -12.37
C TRP A 228 9.91 30.93 -13.73
N ASP A 229 10.88 31.71 -14.16
CA ASP A 229 11.65 31.41 -15.36
C ASP A 229 12.84 30.56 -14.96
N VAL A 230 12.99 29.39 -15.59
CA VAL A 230 14.04 28.46 -15.21
C VAL A 230 15.42 29.06 -15.44
N ARG A 231 15.60 29.73 -16.59
CA ARG A 231 16.93 30.21 -16.96
C ARG A 231 17.29 31.48 -16.20
N GLU A 232 16.43 32.49 -16.24
CA GLU A 232 16.75 33.75 -15.56
C GLU A 232 16.77 33.58 -14.05
N GLY A 233 15.83 32.82 -13.49
CA GLY A 233 15.79 32.59 -12.07
C GLY A 233 14.92 33.54 -11.28
N MET A 234 14.15 34.40 -11.94
CA MET A 234 13.30 35.37 -11.27
C MET A 234 11.84 34.98 -11.36
N CYS A 235 11.02 35.60 -10.51
CA CYS A 235 9.59 35.34 -10.47
C CYS A 235 8.90 36.28 -11.47
N ARG A 236 8.38 35.71 -12.56
CA ARG A 236 7.72 36.53 -13.57
C ARG A 236 6.39 37.08 -13.07
N GLN A 237 5.56 36.22 -12.48
CA GLN A 237 4.20 36.61 -12.12
C GLN A 237 3.81 35.90 -10.83
N THR A 238 2.80 36.47 -10.15
CA THR A 238 2.18 35.81 -9.02
C THR A 238 0.67 35.91 -9.19
N PHE A 239 -0.05 34.89 -8.74
CA PHE A 239 -1.50 34.82 -8.83
C PHE A 239 -2.07 34.49 -7.47
N THR A 240 -3.03 35.28 -7.02
CA THR A 240 -3.65 35.09 -5.70
C THR A 240 -5.16 35.18 -5.84
N GLY A 241 -5.82 34.02 -5.80
CA GLY A 241 -7.26 33.96 -5.82
C GLY A 241 -7.82 32.99 -4.80
N HIS A 242 -6.95 32.16 -4.24
CA HIS A 242 -7.39 31.13 -3.31
C HIS A 242 -7.52 31.69 -1.90
N GLU A 243 -8.21 30.92 -1.04
CA GLU A 243 -8.45 31.33 0.33
C GLU A 243 -7.75 30.42 1.34
N SER A 244 -6.96 29.46 0.90
CA SER A 244 -6.30 28.53 1.80
C SER A 244 -5.05 27.99 1.11
N ASP A 245 -4.48 26.94 1.69
CA ASP A 245 -3.23 26.38 1.19
C ASP A 245 -3.44 25.73 -0.18
N ILE A 246 -2.50 25.99 -1.09
CA ILE A 246 -2.52 25.37 -2.42
C ILE A 246 -1.72 24.09 -2.35
N ASN A 247 -2.36 22.96 -2.65
CA ASN A 247 -1.73 21.66 -2.53
C ASN A 247 -1.30 21.05 -3.85
N ALA A 248 -1.88 21.50 -4.98
CA ALA A 248 -1.57 20.91 -6.26
C ALA A 248 -1.58 21.99 -7.34
N ILE A 249 -0.85 21.72 -8.42
CA ILE A 249 -0.77 22.63 -9.55
C ILE A 249 -0.42 21.83 -10.79
N CYS A 250 -0.87 22.30 -11.95
CA CYS A 250 -0.65 21.59 -13.21
C CYS A 250 -0.81 22.55 -14.37
N PHE A 251 0.19 22.58 -15.26
CA PHE A 251 0.10 23.38 -16.46
C PHE A 251 -0.96 22.86 -17.42
N PHE A 252 -1.55 23.77 -18.17
CA PHE A 252 -2.38 23.40 -19.30
C PHE A 252 -1.50 22.78 -20.38
N PRO A 253 -2.05 21.90 -21.22
CA PRO A 253 -1.23 21.28 -22.27
C PRO A 253 -0.51 22.27 -23.17
N ASN A 254 -1.12 23.41 -23.48
CA ASN A 254 -0.46 24.40 -24.34
C ASN A 254 0.56 25.23 -23.57
N GLY A 255 0.56 25.19 -22.24
CA GLY A 255 1.51 25.94 -21.46
C GLY A 255 1.18 27.39 -21.22
N ASN A 256 0.00 27.85 -21.67
CA ASN A 256 -0.42 29.22 -21.49
C ASN A 256 -1.39 29.40 -20.34
N ALA A 257 -1.60 28.37 -19.53
CA ALA A 257 -2.52 28.44 -18.41
C ALA A 257 -2.16 27.32 -17.43
N PHE A 258 -2.77 27.39 -16.24
CA PHE A 258 -2.54 26.34 -15.25
C PHE A 258 -3.72 26.27 -14.30
N ALA A 259 -3.78 25.20 -13.52
CA ALA A 259 -4.85 24.96 -12.57
C ALA A 259 -4.25 24.67 -11.20
N THR A 260 -4.88 25.23 -10.17
CA THR A 260 -4.42 25.08 -8.79
C THR A 260 -5.56 24.54 -7.94
N GLY A 261 -5.26 23.50 -7.16
CA GLY A 261 -6.19 22.98 -6.19
C GLY A 261 -5.76 23.36 -4.78
N SER A 262 -6.74 23.69 -3.94
CA SER A 262 -6.46 24.21 -2.61
C SER A 262 -7.33 23.53 -1.58
N ASP A 263 -7.05 23.83 -0.30
CA ASP A 263 -7.76 23.21 0.82
C ASP A 263 -9.16 23.76 1.02
N ASP A 264 -9.52 24.86 0.37
CA ASP A 264 -10.86 25.43 0.51
C ASP A 264 -11.86 24.79 -0.44
N ALA A 265 -11.59 23.58 -0.91
CA ALA A 265 -12.49 22.78 -1.74
C ALA A 265 -12.77 23.42 -3.09
N THR A 266 -11.88 24.28 -3.57
CA THR A 266 -12.05 24.94 -4.86
C THR A 266 -10.80 24.74 -5.71
N CYS A 267 -10.99 24.59 -7.01
CA CYS A 267 -9.91 24.63 -7.98
C CYS A 267 -10.01 25.94 -8.76
N ARG A 268 -8.89 26.39 -9.31
CA ARG A 268 -8.89 27.64 -10.04
C ARG A 268 -7.99 27.54 -11.25
N LEU A 269 -8.51 27.95 -12.40
CA LEU A 269 -7.77 28.01 -13.66
C LEU A 269 -7.34 29.45 -13.90
N PHE A 270 -6.01 29.65 -13.96
CA PHE A 270 -5.38 30.94 -14.21
C PHE A 270 -4.73 30.93 -15.59
N ASP A 271 -4.59 32.11 -16.19
CA ASP A 271 -3.93 32.29 -17.47
C ASP A 271 -2.72 33.18 -17.29
N LEU A 272 -1.59 32.76 -17.87
CA LEU A 272 -0.35 33.53 -17.75
C LEU A 272 -0.45 34.87 -18.48
N ARG A 273 -0.97 34.85 -19.71
CA ARG A 273 -1.03 36.08 -20.50
C ARG A 273 -2.12 37.01 -19.98
N ALA A 274 -3.25 36.46 -19.53
CA ALA A 274 -4.29 37.30 -18.95
C ALA A 274 -3.84 37.91 -17.64
N ASP A 275 -3.05 37.17 -16.86
CA ASP A 275 -2.41 37.52 -15.58
C ASP A 275 -3.35 37.44 -14.38
N GLN A 276 -4.64 37.15 -14.55
CA GLN A 276 -5.49 36.90 -13.39
C GLN A 276 -6.31 35.64 -13.62
N GLU A 277 -7.11 35.31 -12.61
CA GLU A 277 -7.88 34.07 -12.61
C GLU A 277 -8.92 34.06 -13.71
N LEU A 278 -9.05 32.91 -14.38
CA LEU A 278 -10.08 32.69 -15.38
C LEU A 278 -11.31 32.00 -14.81
N MET A 279 -11.13 30.83 -14.19
CA MET A 279 -12.26 30.01 -13.81
C MET A 279 -12.09 29.48 -12.40
N THR A 280 -13.22 29.21 -11.75
CA THR A 280 -13.26 28.54 -10.45
C THR A 280 -14.14 27.30 -10.55
N TYR A 281 -13.68 26.21 -9.95
CA TYR A 281 -14.35 24.91 -9.97
C TYR A 281 -14.71 24.58 -8.53
N SER A 282 -16.01 24.64 -8.21
CA SER A 282 -16.47 24.40 -6.86
C SER A 282 -17.89 23.86 -6.90
N HIS A 283 -18.27 23.17 -5.83
CA HIS A 283 -19.61 22.65 -5.67
C HIS A 283 -20.01 22.79 -4.21
N ASP A 284 -21.32 22.95 -3.98
CA ASP A 284 -21.81 23.21 -2.63
C ASP A 284 -21.55 22.03 -1.69
N ASN A 285 -21.73 20.81 -2.18
CA ASN A 285 -21.59 19.63 -1.34
C ASN A 285 -20.15 19.15 -1.20
N ILE A 286 -19.19 19.86 -1.80
CA ILE A 286 -17.78 19.52 -1.66
C ILE A 286 -17.15 20.52 -0.71
N ILE A 287 -16.68 20.01 0.44
CA ILE A 287 -16.07 20.85 1.47
C ILE A 287 -14.66 20.42 1.81
N CYS A 288 -14.12 19.39 1.14
CA CYS A 288 -12.80 18.86 1.44
C CYS A 288 -11.77 19.41 0.45
N GLY A 289 -10.52 19.48 0.90
CA GLY A 289 -9.48 20.03 0.06
C GLY A 289 -9.08 19.10 -1.07
N ILE A 290 -8.30 19.64 -1.99
CA ILE A 290 -7.82 18.91 -3.14
C ILE A 290 -6.36 18.56 -2.93
N THR A 291 -6.02 17.28 -3.09
CA THR A 291 -4.65 16.81 -2.92
C THR A 291 -3.89 16.68 -4.23
N SER A 292 -4.58 16.65 -5.37
CA SER A 292 -3.92 16.46 -6.64
C SER A 292 -4.84 16.90 -7.77
N VAL A 293 -4.27 17.59 -8.75
CA VAL A 293 -4.98 17.97 -9.96
C VAL A 293 -4.17 17.49 -11.16
N SER A 294 -4.86 17.27 -12.27
CA SER A 294 -4.21 16.86 -13.50
C SER A 294 -5.12 17.21 -14.67
N PHE A 295 -4.51 17.39 -15.83
CA PHE A 295 -5.22 17.74 -17.05
C PHE A 295 -5.19 16.56 -18.01
N SER A 296 -6.24 16.45 -18.82
CA SER A 296 -6.24 15.46 -19.88
C SER A 296 -5.29 15.88 -20.99
N LYS A 297 -5.18 15.03 -22.02
CA LYS A 297 -4.29 15.32 -23.13
C LYS A 297 -4.71 16.59 -23.86
N SER A 298 -6.02 16.75 -24.09
CA SER A 298 -6.51 17.94 -24.78
C SER A 298 -6.71 19.11 -23.83
N GLY A 299 -6.66 18.88 -22.53
CA GLY A 299 -6.88 19.94 -21.56
C GLY A 299 -8.33 20.28 -21.31
N ARG A 300 -9.27 19.57 -21.92
CA ARG A 300 -10.69 19.82 -21.71
C ARG A 300 -11.19 19.32 -20.37
N LEU A 301 -10.59 18.26 -19.83
CA LEU A 301 -11.02 17.68 -18.56
C LEU A 301 -9.95 17.93 -17.51
N LEU A 302 -10.38 18.43 -16.35
CA LEU A 302 -9.52 18.64 -15.19
C LEU A 302 -9.89 17.62 -14.14
N LEU A 303 -9.03 16.63 -13.92
CA LEU A 303 -9.26 15.62 -12.91
C LEU A 303 -8.63 16.09 -11.60
N ALA A 304 -9.41 16.07 -10.53
CA ALA A 304 -8.97 16.55 -9.23
C ALA A 304 -9.28 15.50 -8.16
N GLY A 305 -8.26 15.13 -7.39
CA GLY A 305 -8.43 14.20 -6.30
C GLY A 305 -8.74 14.95 -5.02
N TYR A 306 -9.81 14.54 -4.35
CA TYR A 306 -10.30 15.22 -3.16
C TYR A 306 -10.02 14.37 -1.92
N ASP A 307 -10.33 14.96 -0.76
CA ASP A 307 -10.16 14.28 0.52
C ASP A 307 -11.37 13.44 0.90
N ASP A 308 -12.46 13.50 0.13
CA ASP A 308 -13.68 12.76 0.43
C ASP A 308 -13.67 11.35 -0.15
N PHE A 309 -12.48 10.79 -0.37
CA PHE A 309 -12.21 9.44 -0.83
C PHE A 309 -12.43 9.32 -2.33
N ASN A 310 -12.80 10.39 -3.01
CA ASN A 310 -13.22 10.35 -4.40
C ASN A 310 -12.26 11.15 -5.27
N CYS A 311 -12.61 11.26 -6.55
CA CYS A 311 -11.84 12.05 -7.51
C CYS A 311 -12.79 12.50 -8.60
N ASN A 312 -12.95 13.81 -8.74
CA ASN A 312 -13.92 14.33 -9.70
C ASN A 312 -13.24 14.71 -11.01
N VAL A 313 -14.05 14.82 -12.06
CA VAL A 313 -13.59 15.20 -13.39
C VAL A 313 -14.41 16.43 -13.79
N TRP A 314 -13.82 17.61 -13.65
CA TRP A 314 -14.47 18.85 -14.03
C TRP A 314 -14.24 19.12 -15.52
N ASP A 315 -15.18 19.85 -16.11
CA ASP A 315 -15.01 20.34 -17.48
C ASP A 315 -14.29 21.68 -17.38
N ALA A 316 -13.11 21.78 -17.99
CA ALA A 316 -12.31 22.99 -17.86
C ALA A 316 -13.01 24.20 -18.44
N LEU A 317 -13.63 24.05 -19.61
CA LEU A 317 -14.23 25.19 -20.29
C LEU A 317 -15.58 25.57 -19.67
N LYS A 318 -16.40 24.58 -19.33
CA LYS A 318 -17.75 24.82 -18.83
C LYS A 318 -17.85 24.87 -17.31
N ALA A 319 -16.80 24.44 -16.60
CA ALA A 319 -16.77 24.44 -15.14
C ALA A 319 -17.80 23.49 -14.53
N ASP A 320 -18.49 22.72 -15.38
CA ASP A 320 -19.46 21.75 -14.89
C ASP A 320 -18.79 20.43 -14.58
N ARG A 321 -19.32 19.73 -13.57
CA ARG A 321 -18.80 18.42 -13.22
C ARG A 321 -19.20 17.40 -14.28
N ALA A 322 -18.28 16.51 -14.63
CA ALA A 322 -18.49 15.55 -15.71
C ALA A 322 -18.52 14.11 -15.23
N GLY A 323 -17.90 13.79 -14.10
CA GLY A 323 -17.91 12.42 -13.64
C GLY A 323 -17.14 12.28 -12.34
N VAL A 324 -17.24 11.09 -11.76
CA VAL A 324 -16.62 10.78 -10.47
C VAL A 324 -15.83 9.49 -10.62
N LEU A 325 -14.62 9.49 -10.07
CA LEU A 325 -13.79 8.29 -9.99
C LEU A 325 -13.80 7.85 -8.52
N ALA A 326 -14.81 7.08 -8.15
CA ALA A 326 -15.03 6.64 -6.77
C ALA A 326 -14.73 5.15 -6.69
N GLY A 327 -13.47 4.82 -6.39
CA GLY A 327 -13.10 3.42 -6.24
C GLY A 327 -12.07 3.22 -5.15
N HIS A 328 -11.75 4.28 -4.41
CA HIS A 328 -10.74 4.22 -3.36
C HIS A 328 -11.40 4.31 -2.00
N ASP A 329 -10.82 3.61 -1.03
CA ASP A 329 -11.37 3.55 0.33
C ASP A 329 -10.70 4.54 1.27
N ASN A 330 -9.83 5.40 0.76
CA ASN A 330 -9.16 6.39 1.61
C ASN A 330 -8.85 7.62 0.76
N ARG A 331 -8.15 8.58 1.36
CA ARG A 331 -7.80 9.82 0.69
C ARG A 331 -7.01 9.54 -0.59
N VAL A 332 -7.45 10.15 -1.69
CA VAL A 332 -6.75 10.05 -2.97
C VAL A 332 -5.60 11.04 -2.93
N SER A 333 -4.39 10.53 -2.78
CA SER A 333 -3.23 11.39 -2.54
C SER A 333 -2.55 11.86 -3.83
N CYS A 334 -2.54 11.04 -4.88
CA CYS A 334 -1.80 11.40 -6.08
C CYS A 334 -2.58 11.01 -7.33
N LEU A 335 -2.36 11.77 -8.39
CA LEU A 335 -3.10 11.63 -9.63
C LEU A 335 -2.16 11.85 -10.81
N GLY A 336 -2.30 11.02 -11.84
CA GLY A 336 -1.46 11.16 -13.01
C GLY A 336 -2.22 10.78 -14.28
N VAL A 337 -1.82 11.41 -15.37
CA VAL A 337 -2.41 11.15 -16.68
C VAL A 337 -1.28 10.85 -17.65
N THR A 338 -1.46 9.80 -18.46
CA THR A 338 -0.45 9.43 -19.44
C THR A 338 -0.28 10.53 -20.48
N ASP A 339 0.93 10.61 -21.04
CA ASP A 339 1.21 11.66 -22.02
C ASP A 339 0.33 11.54 -23.26
N ASP A 340 -0.09 10.31 -23.58
CA ASP A 340 -1.07 10.11 -24.65
C ASP A 340 -2.50 10.21 -24.15
N GLY A 341 -2.70 10.41 -22.85
CA GLY A 341 -4.05 10.56 -22.31
C GLY A 341 -4.87 9.29 -22.31
N MET A 342 -4.25 8.13 -22.54
CA MET A 342 -5.02 6.90 -22.69
C MET A 342 -5.69 6.50 -21.39
N ALA A 343 -4.99 6.63 -20.26
CA ALA A 343 -5.51 6.18 -18.98
C ALA A 343 -5.09 7.16 -17.88
N VAL A 344 -5.83 7.12 -16.78
CA VAL A 344 -5.57 8.00 -15.63
C VAL A 344 -5.34 7.13 -14.41
N ALA A 345 -4.21 7.34 -13.73
CA ALA A 345 -3.87 6.55 -12.56
C ALA A 345 -4.09 7.36 -11.29
N THR A 346 -4.79 6.76 -10.32
CA THR A 346 -5.06 7.37 -9.03
C THR A 346 -4.41 6.52 -7.95
N GLY A 347 -3.61 7.17 -7.10
CA GLY A 347 -3.01 6.52 -5.94
C GLY A 347 -3.56 7.13 -4.67
N SER A 348 -3.98 6.28 -3.75
CA SER A 348 -4.68 6.74 -2.55
C SER A 348 -4.00 6.14 -1.32
N TRP A 349 -4.52 6.51 -0.15
CA TRP A 349 -3.95 6.12 1.12
C TRP A 349 -4.29 4.69 1.51
N ASP A 350 -5.14 4.00 0.75
CA ASP A 350 -5.46 2.61 1.03
C ASP A 350 -4.45 1.64 0.42
N SER A 351 -3.27 2.13 0.03
CA SER A 351 -2.13 1.35 -0.47
C SER A 351 -2.36 0.73 -1.83
N PHE A 352 -3.34 1.19 -2.61
CA PHE A 352 -3.63 0.64 -3.92
C PHE A 352 -3.61 1.74 -4.97
N LEU A 353 -2.98 1.46 -6.11
CA LEU A 353 -3.12 2.29 -7.29
C LEU A 353 -4.20 1.72 -8.18
N LYS A 354 -4.88 2.59 -8.92
CA LYS A 354 -5.92 2.16 -9.83
C LYS A 354 -5.80 2.92 -11.15
N ILE A 355 -5.78 2.17 -12.25
CA ILE A 355 -5.78 2.74 -13.59
C ILE A 355 -7.22 2.82 -14.07
N TRP A 356 -7.58 3.93 -14.69
CA TRP A 356 -8.95 4.21 -15.09
C TRP A 356 -8.99 4.55 -16.57
N ASN A 357 -9.99 4.01 -17.26
CA ASN A 357 -10.21 4.32 -18.67
C ASN A 357 -11.68 4.64 -18.94
N THR B 6 19.63 47.45 8.29
CA THR B 6 18.33 47.74 7.69
C THR B 6 17.85 46.57 6.83
N ALA B 7 17.71 45.40 7.46
CA ALA B 7 17.23 44.23 6.75
C ALA B 7 15.79 44.42 6.29
N SER B 8 14.95 45.03 7.13
CA SER B 8 13.56 45.29 6.76
C SER B 8 13.48 46.22 5.56
N ILE B 9 14.32 47.26 5.53
CA ILE B 9 14.33 48.19 4.41
C ILE B 9 14.76 47.47 3.14
N ALA B 10 15.77 46.61 3.23
CA ALA B 10 16.23 45.87 2.06
C ALA B 10 15.14 44.94 1.55
N GLN B 11 14.44 44.25 2.46
CA GLN B 11 13.34 43.38 2.03
C GLN B 11 12.23 44.19 1.38
N ALA B 12 11.92 45.37 1.93
CA ALA B 12 10.89 46.21 1.34
C ALA B 12 11.28 46.68 -0.06
N ARG B 13 12.54 47.07 -0.24
CA ARG B 13 13.02 47.45 -1.56
C ARG B 13 12.93 46.28 -2.54
N LYS B 14 13.29 45.07 -2.08
CA LYS B 14 13.20 43.89 -2.94
C LYS B 14 11.75 43.63 -3.33
N LEU B 15 10.83 43.74 -2.39
CA LEU B 15 9.42 43.54 -2.70
C LEU B 15 8.92 44.58 -3.68
N VAL B 16 9.32 45.84 -3.48
CA VAL B 16 8.87 46.92 -4.37
C VAL B 16 9.40 46.70 -5.79
N GLU B 17 10.68 46.32 -5.91
CA GLU B 17 11.24 46.12 -7.25
C GLU B 17 10.62 44.89 -7.92
N GLN B 18 10.33 43.84 -7.15
CA GLN B 18 9.65 42.68 -7.72
C GLN B 18 8.25 43.05 -8.20
N LEU B 19 7.52 43.83 -7.41
CA LEU B 19 6.19 44.27 -7.82
C LEU B 19 6.26 45.14 -9.07
N LYS B 20 7.25 46.04 -9.13
CA LYS B 20 7.42 46.89 -10.30
C LYS B 20 7.71 46.07 -11.55
N MET B 21 8.55 45.04 -11.41
CA MET B 21 8.78 44.13 -12.53
C MET B 21 7.49 43.42 -12.92
N GLU B 22 6.68 43.01 -11.94
CA GLU B 22 5.44 42.32 -12.25
C GLU B 22 4.36 43.29 -12.74
N ALA B 23 4.51 44.58 -12.45
CA ALA B 23 3.51 45.57 -12.81
C ALA B 23 3.75 46.19 -14.18
N ASN B 24 4.77 45.76 -14.90
CA ASN B 24 5.10 46.34 -16.20
C ASN B 24 5.11 45.29 -17.30
N ILE B 25 4.37 44.20 -17.11
CA ILE B 25 4.26 43.16 -18.13
C ILE B 25 3.09 43.46 -19.04
N ASP B 26 3.08 42.85 -20.23
CA ASP B 26 2.04 43.10 -21.23
C ASP B 26 0.92 42.07 -21.04
N ARG B 27 -0.27 42.56 -20.71
CA ARG B 27 -1.42 41.70 -20.44
C ARG B 27 -2.44 41.83 -21.56
N ILE B 28 -2.86 40.69 -22.11
CA ILE B 28 -3.92 40.67 -23.10
C ILE B 28 -5.26 40.59 -22.37
N LYS B 29 -6.34 40.85 -23.08
CA LYS B 29 -7.67 40.80 -22.48
C LYS B 29 -8.02 39.37 -22.10
N VAL B 30 -8.98 39.24 -21.17
CA VAL B 30 -9.43 37.91 -20.76
C VAL B 30 -10.12 37.19 -21.92
N SER B 31 -10.82 37.94 -22.77
CA SER B 31 -11.50 37.32 -23.90
C SER B 31 -10.52 36.64 -24.84
N LYS B 32 -9.39 37.29 -25.12
CA LYS B 32 -8.39 36.69 -26.00
C LYS B 32 -7.77 35.43 -25.39
N ALA B 33 -7.35 35.51 -24.12
CA ALA B 33 -6.76 34.38 -23.44
C ALA B 33 -7.73 33.25 -23.18
N ALA B 34 -9.04 33.53 -23.21
CA ALA B 34 -10.03 32.48 -23.05
C ALA B 34 -10.34 31.84 -24.40
N ALA B 35 -10.43 32.65 -25.45
CA ALA B 35 -10.61 32.12 -26.79
C ALA B 35 -9.45 31.25 -27.19
N ASP B 36 -8.23 31.60 -26.77
CA ASP B 36 -7.08 30.75 -27.09
C ASP B 36 -7.22 29.37 -26.46
N LEU B 37 -7.60 29.31 -25.18
CA LEU B 37 -7.77 28.02 -24.53
C LEU B 37 -8.90 27.22 -25.15
N MET B 38 -10.02 27.90 -25.47
CA MET B 38 -11.14 27.20 -26.09
C MET B 38 -10.75 26.64 -27.45
N ALA B 39 -10.03 27.42 -28.25
CA ALA B 39 -9.60 26.95 -29.57
C ALA B 39 -8.60 25.80 -29.45
N TYR B 40 -7.72 25.85 -28.44
CA TYR B 40 -6.79 24.75 -28.24
C TYR B 40 -7.52 23.48 -27.84
N CYS B 41 -8.52 23.59 -26.96
CA CYS B 41 -9.30 22.41 -26.60
C CYS B 41 -10.05 21.85 -27.80
N GLU B 42 -10.62 22.74 -28.63
CA GLU B 42 -11.36 22.28 -29.80
C GLU B 42 -10.43 21.62 -30.81
N ALA B 43 -9.22 22.15 -30.99
CA ALA B 43 -8.31 21.63 -32.00
C ALA B 43 -7.86 20.22 -31.68
N HIS B 44 -7.56 19.94 -30.40
CA HIS B 44 -7.02 18.66 -29.97
C HIS B 44 -8.10 17.77 -29.36
N ALA B 45 -9.36 18.03 -29.71
CA ALA B 45 -10.46 17.23 -29.17
C ALA B 45 -10.44 15.79 -29.70
N LYS B 46 -10.06 15.61 -30.96
CA LYS B 46 -10.10 14.29 -31.56
C LYS B 46 -9.01 13.38 -31.00
N GLU B 47 -7.90 13.94 -30.54
CA GLU B 47 -6.78 13.17 -30.03
C GLU B 47 -6.90 12.85 -28.54
N ASP B 48 -8.03 13.18 -27.92
CA ASP B 48 -8.23 12.93 -26.50
C ASP B 48 -9.06 11.68 -26.31
N PRO B 49 -8.49 10.57 -25.82
CA PRO B 49 -9.30 9.37 -25.59
C PRO B 49 -10.11 9.41 -24.31
N LEU B 50 -9.88 10.36 -23.42
CA LEU B 50 -10.72 10.48 -22.24
C LEU B 50 -12.07 11.11 -22.58
N LEU B 51 -12.08 12.07 -23.50
CA LEU B 51 -13.34 12.68 -23.93
C LEU B 51 -14.23 11.64 -24.61
N THR B 52 -13.78 11.11 -25.75
CA THR B 52 -14.50 10.07 -26.46
C THR B 52 -13.91 8.71 -26.11
N PRO B 53 -14.70 7.77 -25.60
CA PRO B 53 -14.15 6.46 -25.21
C PRO B 53 -13.55 5.74 -26.41
N VAL B 54 -12.25 5.47 -26.32
CA VAL B 54 -11.52 4.75 -27.35
C VAL B 54 -12.03 3.32 -27.40
N PRO B 55 -12.14 2.70 -28.57
CA PRO B 55 -12.66 1.34 -28.65
C PRO B 55 -11.78 0.33 -27.91
N ALA B 56 -12.42 -0.75 -27.48
CA ALA B 56 -11.73 -1.77 -26.69
C ALA B 56 -10.59 -2.41 -27.48
N SER B 57 -10.69 -2.42 -28.80
CA SER B 57 -9.66 -3.04 -29.64
C SER B 57 -8.46 -2.12 -29.80
N GLU B 58 -8.50 -0.95 -29.20
CA GLU B 58 -7.42 0.01 -29.34
C GLU B 58 -6.72 0.34 -28.03
N ASN B 59 -7.44 0.44 -26.93
CA ASN B 59 -6.80 0.76 -25.66
C ASN B 59 -6.04 -0.45 -25.14
N PRO B 60 -4.83 -0.24 -24.60
CA PRO B 60 -4.04 -1.40 -24.14
C PRO B 60 -4.60 -2.07 -22.89
N PHE B 61 -5.49 -1.40 -22.16
CA PHE B 61 -5.92 -1.90 -20.86
C PHE B 61 -7.14 -2.81 -20.94
N ARG B 62 -7.63 -3.12 -22.14
CA ARG B 62 -8.71 -4.08 -22.29
C ARG B 62 -8.24 -5.29 -23.09
N ASP C 1 34.92 -4.74 -13.59
CA ASP C 1 33.53 -4.58 -14.00
C ASP C 1 32.75 -5.88 -13.78
N VAL C 2 31.96 -6.26 -14.78
CA VAL C 2 31.17 -7.48 -14.75
C VAL C 2 31.92 -8.58 -15.48
N GLN C 3 31.99 -9.76 -14.86
CA GLN C 3 32.73 -10.87 -15.46
C GLN C 3 32.16 -12.19 -14.98
N LEU C 4 32.33 -13.21 -15.82
CA LEU C 4 31.98 -14.59 -15.51
C LEU C 4 33.15 -15.47 -15.92
N VAL C 5 33.57 -16.37 -15.02
CA VAL C 5 34.72 -17.23 -15.27
C VAL C 5 34.27 -18.68 -15.17
N GLU C 6 34.53 -19.46 -16.21
CA GLU C 6 34.16 -20.87 -16.25
C GLU C 6 35.34 -21.74 -15.89
N SER C 7 35.07 -22.78 -15.10
CA SER C 7 36.11 -23.72 -14.70
C SER C 7 35.51 -25.11 -14.59
N GLY C 8 36.37 -26.11 -14.63
CA GLY C 8 35.96 -27.49 -14.51
C GLY C 8 35.97 -28.30 -15.79
N GLY C 9 36.63 -27.81 -16.84
CA GLY C 9 36.71 -28.52 -18.11
C GLY C 9 37.99 -29.34 -18.21
N GLY C 10 37.87 -30.53 -18.78
CA GLY C 10 39.02 -31.40 -18.91
C GLY C 10 38.69 -32.62 -19.75
N LEU C 11 39.66 -33.51 -19.87
CA LEU C 11 39.49 -34.72 -20.67
C LEU C 11 38.62 -35.71 -19.93
N VAL C 12 37.61 -36.25 -20.61
CA VAL C 12 36.63 -37.13 -20.00
C VAL C 12 36.44 -38.36 -20.88
N GLN C 13 36.37 -39.54 -20.27
CA GLN C 13 36.10 -40.74 -21.10
C GLN C 13 34.58 -40.85 -21.25
N PRO C 14 34.03 -41.47 -22.31
CA PRO C 14 32.59 -41.60 -22.47
C PRO C 14 31.92 -42.28 -21.25
N GLY C 15 30.71 -41.84 -20.96
CA GLY C 15 29.91 -42.29 -19.84
C GLY C 15 30.32 -41.74 -18.50
N GLY C 16 31.31 -40.85 -18.46
CA GLY C 16 31.79 -40.29 -17.21
C GLY C 16 30.92 -39.14 -16.73
N SER C 17 31.37 -38.53 -15.63
CA SER C 17 30.67 -37.41 -15.03
C SER C 17 31.64 -36.24 -14.86
N ARG C 18 31.09 -35.03 -14.90
CA ARG C 18 31.89 -33.83 -14.76
C ARG C 18 30.99 -32.72 -14.21
N LYS C 19 31.62 -31.71 -13.63
CA LYS C 19 30.90 -30.57 -13.06
C LYS C 19 31.57 -29.29 -13.52
N LEU C 20 30.77 -28.36 -14.04
CA LEU C 20 31.24 -27.06 -14.51
C LEU C 20 30.79 -25.99 -13.53
N SER C 21 31.68 -25.03 -13.25
CA SER C 21 31.39 -23.95 -12.31
C SER C 21 31.62 -22.61 -12.99
N CYS C 22 30.58 -21.78 -13.02
CA CYS C 22 30.68 -20.39 -13.43
C CYS C 22 30.70 -19.51 -12.20
N SER C 23 31.79 -18.77 -12.03
CA SER C 23 31.95 -17.82 -10.92
C SER C 23 31.63 -16.43 -11.47
N ALA C 24 30.67 -15.76 -10.85
CA ALA C 24 30.23 -14.45 -11.28
C ALA C 24 30.84 -13.36 -10.42
N SER C 25 31.02 -12.19 -11.02
CA SER C 25 31.54 -11.04 -10.27
C SER C 25 31.07 -9.76 -10.95
N GLY C 26 30.85 -8.74 -10.13
CA GLY C 26 30.53 -7.42 -10.64
C GLY C 26 29.07 -7.15 -10.92
N PHE C 27 28.17 -8.04 -10.52
CA PHE C 27 26.75 -7.80 -10.74
C PHE C 27 25.96 -8.60 -9.71
N ALA C 28 24.68 -8.26 -9.58
CA ALA C 28 23.77 -8.94 -8.66
C ALA C 28 23.41 -10.29 -9.27
N PHE C 29 24.17 -11.32 -8.87
CA PHE C 29 24.00 -12.64 -9.45
C PHE C 29 22.61 -13.21 -9.14
N SER C 30 22.13 -13.00 -7.92
CA SER C 30 20.86 -13.58 -7.51
C SER C 30 19.67 -13.05 -8.29
N SER C 31 19.78 -11.89 -8.93
CA SER C 31 18.69 -11.29 -9.68
C SER C 31 18.73 -11.63 -11.17
N PHE C 32 19.71 -12.41 -11.61
CA PHE C 32 19.88 -12.74 -13.02
C PHE C 32 19.64 -14.23 -13.24
N GLY C 33 18.78 -14.56 -14.22
CA GLY C 33 18.70 -15.92 -14.70
C GLY C 33 19.97 -16.30 -15.45
N MET C 34 20.26 -17.59 -15.48
CA MET C 34 21.53 -18.06 -16.01
C MET C 34 21.29 -19.15 -17.04
N HIS C 35 22.06 -19.07 -18.14
CA HIS C 35 22.00 -20.01 -19.24
C HIS C 35 23.36 -20.68 -19.40
N TRP C 36 23.34 -21.96 -19.72
CA TRP C 36 24.52 -22.68 -20.21
C TRP C 36 24.35 -22.95 -21.69
N VAL C 37 25.32 -22.49 -22.48
CA VAL C 37 25.28 -22.59 -23.93
C VAL C 37 26.52 -23.32 -24.43
N ARG C 38 26.33 -24.19 -25.41
CA ARG C 38 27.39 -25.03 -25.95
C ARG C 38 27.77 -24.56 -27.34
N GLN C 39 29.06 -24.67 -27.67
CA GLN C 39 29.56 -24.40 -29.02
C GLN C 39 30.57 -25.50 -29.35
N ALA C 40 30.20 -26.38 -30.27
CA ALA C 40 31.09 -27.46 -30.70
C ALA C 40 32.25 -26.86 -31.47
N PRO C 41 33.38 -27.58 -31.60
CA PRO C 41 34.60 -26.97 -32.17
C PRO C 41 34.42 -26.28 -33.51
N GLU C 42 33.60 -26.84 -34.40
CA GLU C 42 33.48 -26.29 -35.75
C GLU C 42 32.10 -25.72 -36.06
N LYS C 43 31.04 -26.20 -35.42
CA LYS C 43 29.69 -25.76 -35.75
C LYS C 43 29.28 -24.63 -34.81
N GLY C 44 28.01 -24.20 -34.94
CA GLY C 44 27.53 -23.04 -34.23
C GLY C 44 27.06 -23.33 -32.82
N LEU C 45 26.58 -22.27 -32.17
CA LEU C 45 26.07 -22.36 -30.81
C LEU C 45 24.77 -23.16 -30.77
N GLU C 46 24.51 -23.79 -29.62
CA GLU C 46 23.22 -24.39 -29.36
C GLU C 46 22.96 -24.36 -27.86
N TRP C 47 21.77 -23.93 -27.48
CA TRP C 47 21.42 -23.73 -26.08
C TRP C 47 21.33 -25.07 -25.35
N VAL C 48 21.83 -25.12 -24.12
CA VAL C 48 21.89 -26.34 -23.32
C VAL C 48 20.93 -26.28 -22.14
N ALA C 49 21.10 -25.31 -21.24
CA ALA C 49 20.35 -25.34 -20.00
C ALA C 49 20.05 -23.93 -19.52
N TYR C 50 19.08 -23.83 -18.59
CA TYR C 50 18.68 -22.55 -18.03
C TYR C 50 18.11 -22.74 -16.64
N ILE C 51 18.46 -21.83 -15.73
CA ILE C 51 17.87 -21.77 -14.40
C ILE C 51 17.52 -20.32 -14.10
N SER C 52 16.30 -20.10 -13.62
CA SER C 52 15.83 -18.74 -13.40
C SER C 52 16.39 -18.18 -12.09
N SER C 53 16.03 -16.92 -11.82
CA SER C 53 16.40 -16.31 -10.55
C SER C 53 15.65 -17.00 -9.42
N GLY C 54 16.38 -17.36 -8.36
CA GLY C 54 15.79 -18.09 -7.26
C GLY C 54 15.46 -19.53 -7.56
N SER C 55 15.94 -20.07 -8.67
CA SER C 55 15.70 -21.45 -9.08
C SER C 55 14.21 -21.76 -9.23
N GLY C 56 13.41 -20.76 -9.59
CA GLY C 56 11.97 -20.98 -9.72
C GLY C 56 11.62 -21.96 -10.83
N THR C 57 12.22 -21.78 -12.00
CA THR C 57 11.98 -22.67 -13.14
C THR C 57 13.31 -23.07 -13.75
N ILE C 58 13.39 -24.31 -14.19
CA ILE C 58 14.61 -24.87 -14.78
C ILE C 58 14.24 -25.54 -16.10
N TYR C 59 15.04 -25.27 -17.13
CA TYR C 59 14.78 -25.81 -18.46
C TYR C 59 16.05 -26.45 -19.01
N TYR C 60 15.87 -27.52 -19.79
CA TYR C 60 16.97 -28.23 -20.43
C TYR C 60 16.66 -28.43 -21.90
N ALA C 61 17.69 -28.77 -22.66
CA ALA C 61 17.52 -29.18 -24.05
C ALA C 61 17.28 -30.68 -24.11
N ASP C 62 16.57 -31.11 -25.16
CA ASP C 62 16.26 -32.52 -25.31
C ASP C 62 17.53 -33.35 -25.51
N THR C 63 18.59 -32.74 -26.03
CA THR C 63 19.85 -33.45 -26.18
C THR C 63 20.47 -33.78 -24.82
N VAL C 64 20.33 -32.88 -23.85
CA VAL C 64 20.92 -33.05 -22.52
C VAL C 64 19.87 -33.29 -21.45
N LYS C 65 18.61 -33.53 -21.83
CA LYS C 65 17.56 -33.77 -20.86
C LYS C 65 17.86 -35.04 -20.07
N GLY C 66 17.71 -34.95 -18.76
CA GLY C 66 17.96 -36.09 -17.88
C GLY C 66 19.39 -36.25 -17.40
N ARG C 67 20.34 -36.16 -18.32
CA ARG C 67 21.75 -36.34 -17.96
C ARG C 67 22.32 -35.11 -17.24
N PHE C 68 21.88 -33.92 -17.62
CA PHE C 68 22.46 -32.68 -17.11
C PHE C 68 21.58 -32.10 -16.02
N THR C 69 22.21 -31.42 -15.07
CA THR C 69 21.49 -30.75 -13.99
C THR C 69 22.16 -29.41 -13.72
N ILE C 70 21.39 -28.32 -13.88
CA ILE C 70 21.88 -26.97 -13.68
C ILE C 70 21.34 -26.46 -12.36
N SER C 71 22.20 -25.84 -11.57
CA SER C 71 21.84 -25.31 -10.27
C SER C 71 22.60 -24.02 -10.02
N ARG C 72 22.15 -23.25 -9.04
CA ARG C 72 22.81 -22.00 -8.69
C ARG C 72 22.93 -21.87 -7.19
N ASP C 73 24.09 -21.40 -6.74
CA ASP C 73 24.37 -21.11 -5.34
C ASP C 73 24.48 -19.60 -5.24
N ASP C 74 23.36 -18.96 -4.88
CA ASP C 74 23.30 -17.50 -4.82
C ASP C 74 24.22 -16.90 -3.76
N PRO C 75 24.25 -17.38 -2.51
CA PRO C 75 25.10 -16.72 -1.51
C PRO C 75 26.58 -16.72 -1.89
N LYS C 76 27.07 -17.77 -2.53
CA LYS C 76 28.45 -17.81 -3.01
C LYS C 76 28.59 -17.39 -4.46
N ASN C 77 27.49 -17.01 -5.12
CA ASN C 77 27.52 -16.46 -6.48
C ASN C 77 28.17 -17.43 -7.46
N THR C 78 27.61 -18.62 -7.58
CA THR C 78 28.18 -19.64 -8.44
C THR C 78 27.07 -20.37 -9.19
N LEU C 79 27.39 -20.83 -10.40
CA LEU C 79 26.45 -21.59 -11.22
C LEU C 79 27.08 -22.94 -11.55
N PHE C 80 26.39 -24.03 -11.18
CA PHE C 80 26.89 -25.37 -11.35
C PHE C 80 26.14 -26.09 -12.46
N LEU C 81 26.89 -26.85 -13.25
CA LEU C 81 26.34 -27.75 -14.26
C LEU C 81 26.93 -29.13 -14.04
N GLN C 82 26.14 -30.02 -13.42
CA GLN C 82 26.55 -31.40 -13.18
C GLN C 82 26.06 -32.26 -14.32
N MET C 83 26.98 -32.77 -15.13
CA MET C 83 26.64 -33.52 -16.32
C MET C 83 27.17 -34.95 -16.20
N THR C 84 26.30 -35.92 -16.49
CA THR C 84 26.60 -37.34 -16.33
C THR C 84 26.30 -38.07 -17.62
N SER C 85 26.84 -39.29 -17.72
CA SER C 85 26.65 -40.14 -18.91
C SER C 85 27.04 -39.40 -20.18
N LEU C 86 28.24 -38.82 -20.16
CA LEU C 86 28.71 -37.99 -21.26
C LEU C 86 28.95 -38.83 -22.51
N ARG C 87 28.35 -38.40 -23.62
CA ARG C 87 28.62 -39.00 -24.92
C ARG C 87 29.75 -38.23 -25.60
N SER C 88 30.22 -38.75 -26.74
CA SER C 88 31.30 -38.11 -27.47
C SER C 88 30.85 -36.87 -28.21
N GLU C 89 29.55 -36.64 -28.37
CA GLU C 89 29.04 -35.48 -29.07
C GLU C 89 29.02 -34.22 -28.22
N ASP C 90 29.36 -34.32 -26.94
CA ASP C 90 29.32 -33.17 -26.05
C ASP C 90 30.63 -32.41 -25.96
N THR C 91 31.69 -32.88 -26.62
CA THR C 91 32.96 -32.16 -26.62
C THR C 91 32.80 -30.81 -27.31
N ALA C 92 33.03 -29.73 -26.57
CA ALA C 92 32.72 -28.39 -27.04
C ALA C 92 33.34 -27.36 -26.10
N MET C 93 32.94 -26.11 -26.27
CA MET C 93 33.23 -25.05 -25.33
C MET C 93 31.91 -24.55 -24.74
N TYR C 94 31.88 -24.38 -23.42
CA TYR C 94 30.67 -24.03 -22.70
C TYR C 94 30.77 -22.60 -22.18
N TYR C 95 29.67 -21.85 -22.32
CA TYR C 95 29.57 -20.48 -21.86
C TYR C 95 28.44 -20.36 -20.85
N CYS C 96 28.69 -19.61 -19.78
CA CYS C 96 27.64 -19.23 -18.84
C CYS C 96 27.22 -17.80 -19.14
N VAL C 97 25.92 -17.61 -19.36
CA VAL C 97 25.36 -16.34 -19.83
C VAL C 97 24.36 -15.84 -18.80
N ARG C 98 24.38 -14.53 -18.57
CA ARG C 98 23.42 -13.89 -17.68
C ARG C 98 22.27 -13.31 -18.50
N SER C 99 21.07 -13.34 -17.93
CA SER C 99 19.89 -12.81 -18.59
C SER C 99 18.86 -12.40 -17.54
N ILE C 100 18.48 -11.13 -17.54
CA ILE C 100 17.45 -10.62 -16.65
C ILE C 100 16.23 -10.29 -17.51
N TYR C 101 15.05 -10.53 -16.97
CA TYR C 101 13.81 -10.41 -17.72
C TYR C 101 12.85 -9.45 -17.01
N TYR C 102 12.61 -8.31 -17.64
CA TYR C 102 11.54 -7.39 -17.27
C TYR C 102 11.24 -6.54 -18.48
N TYR C 103 10.31 -5.61 -18.34
CA TYR C 103 9.95 -4.75 -19.46
C TYR C 103 11.12 -3.86 -19.84
N GLY C 104 11.60 -4.00 -21.07
CA GLY C 104 12.73 -3.22 -21.53
C GLY C 104 14.09 -3.77 -21.19
N SER C 105 14.15 -4.98 -20.61
CA SER C 105 15.43 -5.58 -20.27
C SER C 105 16.14 -6.12 -21.51
N SER C 106 17.42 -6.44 -21.34
CA SER C 106 18.23 -6.98 -22.42
C SER C 106 18.81 -8.32 -22.00
N PRO C 107 18.10 -9.43 -22.22
CA PRO C 107 18.64 -10.74 -21.85
C PRO C 107 19.85 -11.10 -22.70
N PHE C 108 20.67 -12.02 -22.18
CA PHE C 108 21.91 -12.45 -22.82
C PHE C 108 22.87 -11.27 -23.00
N ASP C 109 22.87 -10.35 -22.04
CA ASP C 109 23.69 -9.15 -22.14
C ASP C 109 25.17 -9.49 -22.10
N PHE C 110 25.58 -10.39 -21.22
CA PHE C 110 26.98 -10.70 -21.01
C PHE C 110 27.21 -12.20 -21.10
N TRP C 111 28.33 -12.59 -21.72
CA TRP C 111 28.70 -13.98 -21.89
C TRP C 111 30.03 -14.24 -21.19
N GLY C 112 30.17 -15.44 -20.64
CA GLY C 112 31.43 -15.85 -20.06
C GLY C 112 32.44 -16.26 -21.11
N GLN C 113 33.67 -16.49 -20.65
CA GLN C 113 34.74 -16.85 -21.58
C GLN C 113 34.60 -18.27 -22.10
N GLY C 114 34.11 -19.18 -21.29
CA GLY C 114 33.89 -20.55 -21.71
C GLY C 114 35.00 -21.48 -21.26
N THR C 115 34.63 -22.75 -21.06
CA THR C 115 35.58 -23.79 -20.68
C THR C 115 35.45 -24.96 -21.65
N THR C 116 36.54 -25.69 -21.84
CA THR C 116 36.60 -26.71 -22.88
C THR C 116 36.32 -28.09 -22.29
N LEU C 117 35.36 -28.78 -22.87
CA LEU C 117 35.08 -30.19 -22.59
C LEU C 117 35.57 -31.02 -23.76
N THR C 118 36.40 -32.01 -23.47
CA THR C 118 36.93 -32.92 -24.49
C THR C 118 36.62 -34.34 -24.06
N VAL C 119 35.49 -34.87 -24.53
CA VAL C 119 35.14 -36.25 -24.26
C VAL C 119 35.94 -37.15 -25.19
N SER C 120 36.99 -37.76 -24.66
CA SER C 120 37.89 -38.57 -25.48
C SER C 120 37.17 -39.83 -25.97
N SER C 121 37.29 -40.11 -27.26
CA SER C 121 36.65 -41.28 -27.85
C SER C 121 37.39 -42.56 -27.49
N GLY C 134 13.22 -35.58 -33.20
CA GLY C 134 13.27 -34.15 -32.99
C GLY C 134 11.99 -33.44 -33.41
N GLY C 135 12.13 -32.24 -33.96
CA GLY C 135 10.98 -31.47 -34.40
C GLY C 135 10.29 -30.74 -33.28
N SER C 136 9.16 -30.13 -33.63
CA SER C 136 8.31 -29.37 -32.72
C SER C 136 9.04 -28.20 -32.08
N ASP C 137 10.06 -27.66 -32.75
CA ASP C 137 10.79 -26.49 -32.27
C ASP C 137 11.17 -25.61 -33.46
N ILE C 138 11.39 -24.33 -33.16
CA ILE C 138 11.68 -23.36 -34.22
C ILE C 138 13.06 -23.64 -34.80
N VAL C 139 13.13 -23.71 -36.13
CA VAL C 139 14.38 -23.97 -36.82
C VAL C 139 14.91 -22.65 -37.38
N MET C 140 15.86 -22.04 -36.67
CA MET C 140 16.45 -20.79 -37.12
C MET C 140 17.50 -21.07 -38.18
N THR C 141 17.35 -20.45 -39.35
CA THR C 141 18.17 -20.77 -40.51
C THR C 141 18.87 -19.52 -41.01
N GLN C 142 20.20 -19.59 -41.09
CA GLN C 142 21.02 -18.57 -41.75
C GLN C 142 21.59 -19.22 -43.01
N ALA C 143 20.94 -18.95 -44.14
CA ALA C 143 21.28 -19.67 -45.38
C ALA C 143 22.71 -19.41 -45.82
N THR C 144 23.17 -18.16 -45.71
CA THR C 144 24.50 -17.78 -46.20
C THR C 144 25.53 -18.14 -45.14
N SER C 145 26.52 -18.95 -45.53
CA SER C 145 27.57 -19.33 -44.60
C SER C 145 28.56 -18.19 -44.37
N SER C 146 28.95 -17.48 -45.43
CA SER C 146 29.90 -16.39 -45.30
C SER C 146 29.76 -15.46 -46.51
N VAL C 147 30.23 -14.24 -46.33
CA VAL C 147 30.25 -13.24 -47.40
C VAL C 147 31.60 -12.53 -47.42
N PRO C 148 32.23 -12.39 -48.59
CA PRO C 148 33.43 -11.54 -48.67
C PRO C 148 33.05 -10.07 -48.63
N VAL C 149 33.68 -9.32 -47.73
CA VAL C 149 33.33 -7.93 -47.50
C VAL C 149 34.60 -7.10 -47.37
N THR C 150 34.62 -5.96 -48.06
CA THR C 150 35.66 -4.96 -47.97
C THR C 150 35.28 -3.93 -46.91
N PRO C 151 36.15 -3.63 -45.95
CA PRO C 151 35.77 -2.70 -44.88
C PRO C 151 35.45 -1.31 -45.42
N GLY C 152 34.53 -0.64 -44.75
CA GLY C 152 34.01 0.64 -45.20
C GLY C 152 32.74 0.55 -46.02
N GLU C 153 32.30 -0.66 -46.36
CA GLU C 153 31.07 -0.86 -47.12
C GLU C 153 29.91 -1.17 -46.16
N SER C 154 28.75 -1.43 -46.75
CA SER C 154 27.56 -1.81 -46.00
C SER C 154 27.19 -3.24 -46.34
N VAL C 155 27.02 -4.07 -45.31
CA VAL C 155 26.71 -5.48 -45.47
C VAL C 155 25.41 -5.78 -44.73
N SER C 156 24.65 -6.74 -45.28
CA SER C 156 23.40 -7.16 -44.69
C SER C 156 23.46 -8.66 -44.42
N ILE C 157 23.18 -9.05 -43.17
CA ILE C 157 23.15 -10.45 -42.77
C ILE C 157 21.69 -10.85 -42.61
N SER C 158 21.26 -11.87 -43.35
CA SER C 158 19.87 -12.28 -43.35
C SER C 158 19.63 -13.40 -42.33
N CYS C 159 18.36 -13.63 -42.04
CA CYS C 159 17.96 -14.67 -41.11
C CYS C 159 16.55 -15.13 -41.48
N ARG C 160 16.20 -16.33 -41.03
CA ARG C 160 14.89 -16.90 -41.31
C ARG C 160 14.44 -17.74 -40.12
N SER C 161 13.13 -17.91 -40.01
CA SER C 161 12.54 -18.68 -38.92
C SER C 161 11.44 -19.57 -39.47
N SER C 162 11.36 -20.79 -38.94
CA SER C 162 10.30 -21.71 -39.36
C SER C 162 8.93 -21.18 -38.94
N LYS C 163 8.84 -20.63 -37.72
CA LYS C 163 7.61 -20.07 -37.19
C LYS C 163 7.82 -18.60 -36.90
N SER C 164 6.77 -17.80 -37.11
CA SER C 164 6.86 -16.36 -36.89
C SER C 164 7.23 -16.06 -35.45
N LEU C 165 8.17 -15.14 -35.27
CA LEU C 165 8.68 -14.75 -33.96
C LEU C 165 7.90 -13.59 -33.35
N LEU C 166 6.93 -13.03 -34.07
CA LEU C 166 6.15 -11.91 -33.56
C LEU C 166 5.04 -12.42 -32.65
N HIS C 167 5.02 -11.93 -31.42
CA HIS C 167 4.01 -12.33 -30.46
C HIS C 167 2.82 -11.37 -30.50
N SER C 168 1.74 -11.77 -29.82
CA SER C 168 0.54 -10.96 -29.75
C SER C 168 0.75 -9.68 -28.93
N ASN C 169 1.81 -9.59 -28.14
CA ASN C 169 2.09 -8.41 -27.34
C ASN C 169 2.91 -7.36 -28.07
N GLY C 170 3.23 -7.59 -29.34
CA GLY C 170 3.96 -6.62 -30.14
C GLY C 170 5.47 -6.76 -30.12
N ASN C 171 6.01 -7.66 -29.31
CA ASN C 171 7.45 -7.88 -29.23
C ASN C 171 7.86 -9.02 -30.14
N THR C 172 8.85 -8.78 -30.99
CA THR C 172 9.44 -9.80 -31.84
C THR C 172 10.70 -10.33 -31.15
N TYR C 173 10.66 -11.58 -30.71
CA TYR C 173 11.71 -12.13 -29.86
C TYR C 173 12.83 -12.71 -30.73
N LEU C 174 13.67 -11.80 -31.22
CA LEU C 174 14.83 -12.15 -32.03
C LEU C 174 16.05 -11.44 -31.49
N TYR C 175 17.13 -12.19 -31.29
CA TYR C 175 18.37 -11.65 -30.76
C TYR C 175 19.49 -11.85 -31.78
N TRP C 176 20.47 -10.95 -31.75
CA TRP C 176 21.62 -11.01 -32.65
C TRP C 176 22.89 -11.00 -31.82
N PHE C 177 23.80 -11.92 -32.14
CA PHE C 177 25.08 -12.04 -31.44
C PHE C 177 26.22 -12.04 -32.44
N LEU C 178 27.36 -11.50 -32.02
CA LEU C 178 28.56 -11.48 -32.83
C LEU C 178 29.68 -12.16 -32.06
N GLN C 179 30.29 -13.16 -32.67
CA GLN C 179 31.35 -13.95 -32.04
C GLN C 179 32.64 -13.72 -32.81
N ARG C 180 33.49 -12.84 -32.28
CA ARG C 180 34.75 -12.54 -32.91
C ARG C 180 35.72 -13.71 -32.74
N PRO C 181 36.74 -13.82 -33.60
CA PRO C 181 37.71 -14.92 -33.48
C PRO C 181 38.41 -14.90 -32.13
N GLY C 182 38.30 -16.01 -31.41
CA GLY C 182 38.92 -16.11 -30.10
C GLY C 182 38.23 -15.35 -29.00
N GLN C 183 36.97 -14.98 -29.19
CA GLN C 183 36.23 -14.20 -28.19
C GLN C 183 34.84 -14.79 -28.03
N SER C 184 34.26 -14.56 -26.85
CA SER C 184 32.91 -14.99 -26.55
C SER C 184 31.91 -14.16 -27.35
N PRO C 185 30.73 -14.72 -27.63
CA PRO C 185 29.71 -13.96 -28.38
C PRO C 185 29.29 -12.70 -27.63
N GLN C 186 29.02 -11.65 -28.40
CA GLN C 186 28.59 -10.36 -27.87
C GLN C 186 27.20 -10.04 -28.40
N LEU C 187 26.31 -9.62 -27.50
CA LEU C 187 24.95 -9.27 -27.89
C LEU C 187 24.96 -7.93 -28.60
N LEU C 188 24.40 -7.90 -29.81
CA LEU C 188 24.31 -6.67 -30.59
C LEU C 188 22.91 -6.06 -30.51
N ILE C 189 21.89 -6.81 -30.89
CA ILE C 189 20.52 -6.32 -30.97
C ILE C 189 19.62 -7.30 -30.23
N TYR C 190 18.76 -6.79 -29.37
CA TYR C 190 17.78 -7.61 -28.66
C TYR C 190 16.38 -7.20 -29.10
N ARG C 191 15.54 -8.21 -29.35
CA ARG C 191 14.16 -8.03 -29.82
C ARG C 191 14.12 -7.34 -31.19
N MET C 192 15.15 -7.58 -32.00
CA MET C 192 15.15 -7.30 -33.44
C MET C 192 15.24 -5.81 -33.76
N SER C 193 15.06 -4.96 -32.76
CA SER C 193 15.13 -3.53 -33.01
C SER C 193 16.05 -2.79 -32.06
N ASN C 194 16.08 -3.21 -30.79
CA ASN C 194 16.78 -2.45 -29.77
C ASN C 194 18.27 -2.78 -29.78
N LEU C 195 19.09 -1.73 -29.68
CA LEU C 195 20.54 -1.87 -29.70
C LEU C 195 21.06 -2.04 -28.28
N ALA C 196 21.98 -2.99 -28.12
CA ALA C 196 22.55 -3.27 -26.81
C ALA C 196 23.45 -2.12 -26.36
N SER C 197 23.65 -2.04 -25.05
CA SER C 197 24.51 -1.00 -24.49
C SER C 197 25.96 -1.21 -24.93
N GLY C 198 26.60 -0.11 -25.33
CA GLY C 198 27.98 -0.15 -25.78
C GLY C 198 28.17 -0.62 -27.21
N VAL C 199 27.09 -0.92 -27.92
CA VAL C 199 27.16 -1.37 -29.31
C VAL C 199 27.13 -0.13 -30.21
N PRO C 200 28.05 0.01 -31.16
CA PRO C 200 28.01 1.17 -32.05
C PRO C 200 26.72 1.21 -32.85
N ASP C 201 26.29 2.44 -33.18
CA ASP C 201 25.03 2.67 -33.86
C ASP C 201 25.08 2.23 -35.32
N ARG C 202 26.21 1.67 -35.75
CA ARG C 202 26.31 1.15 -37.11
C ARG C 202 25.33 0.00 -37.34
N PHE C 203 25.21 -0.89 -36.35
CA PHE C 203 24.34 -2.05 -36.49
C PHE C 203 22.88 -1.65 -36.38
N SER C 204 22.04 -2.23 -37.23
CA SER C 204 20.61 -1.96 -37.23
C SER C 204 19.86 -3.25 -37.53
N GLY C 205 18.76 -3.47 -36.81
CA GLY C 205 17.93 -4.65 -37.00
C GLY C 205 16.58 -4.28 -37.55
N SER C 206 16.06 -5.13 -38.45
CA SER C 206 14.77 -4.91 -39.07
C SER C 206 14.16 -6.27 -39.38
N GLY C 207 13.13 -6.28 -40.23
CA GLY C 207 12.43 -7.48 -40.59
C GLY C 207 11.13 -7.64 -39.84
N SER C 208 10.33 -8.60 -40.30
CA SER C 208 9.03 -8.86 -39.70
C SER C 208 8.61 -10.29 -39.99
N GLY C 209 7.82 -10.85 -39.08
CA GLY C 209 7.31 -12.20 -39.26
C GLY C 209 8.36 -13.27 -39.08
N THR C 210 8.74 -13.92 -40.18
CA THR C 210 9.73 -14.99 -40.14
C THR C 210 11.06 -14.62 -40.75
N ALA C 211 11.12 -13.55 -41.53
CA ALA C 211 12.35 -13.13 -42.20
C ALA C 211 12.92 -11.89 -41.52
N PHE C 212 14.20 -11.95 -41.17
CA PHE C 212 14.88 -10.84 -40.53
C PHE C 212 16.23 -10.61 -41.21
N THR C 213 16.71 -9.36 -41.12
CA THR C 213 17.99 -9.00 -41.66
C THR C 213 18.72 -8.07 -40.69
N LEU C 214 20.04 -8.22 -40.64
CA LEU C 214 20.90 -7.37 -39.83
C LEU C 214 21.80 -6.57 -40.76
N THR C 215 21.75 -5.25 -40.63
CA THR C 215 22.47 -4.34 -41.52
C THR C 215 23.59 -3.65 -40.76
N ILE C 216 24.78 -3.63 -41.35
CA ILE C 216 25.95 -2.96 -40.80
C ILE C 216 26.37 -1.87 -41.77
N SER C 217 26.53 -0.65 -41.26
CA SER C 217 26.93 0.50 -42.05
C SER C 217 28.34 0.93 -41.66
N ARG C 218 29.18 1.18 -42.66
CA ARG C 218 30.57 1.59 -42.44
C ARG C 218 31.31 0.56 -41.59
N LEU C 219 31.41 -0.64 -42.14
CA LEU C 219 32.05 -1.75 -41.44
C LEU C 219 33.51 -1.42 -41.15
N GLU C 220 33.94 -1.71 -39.92
CA GLU C 220 35.30 -1.45 -39.50
C GLU C 220 35.93 -2.78 -39.04
N ALA C 221 37.22 -2.72 -38.67
CA ALA C 221 38.03 -3.94 -38.61
C ALA C 221 37.61 -4.89 -37.51
N GLU C 222 36.88 -4.44 -36.49
CA GLU C 222 36.47 -5.30 -35.39
C GLU C 222 35.09 -5.92 -35.62
N ASP C 223 34.51 -5.74 -36.80
CA ASP C 223 33.23 -6.34 -37.14
C ASP C 223 33.37 -7.74 -37.73
N VAL C 224 34.58 -8.21 -37.97
CA VAL C 224 34.79 -9.52 -38.56
C VAL C 224 34.49 -10.60 -37.53
N GLY C 225 33.79 -11.65 -37.96
CA GLY C 225 33.43 -12.72 -37.05
C GLY C 225 32.23 -13.47 -37.59
N VAL C 226 31.62 -14.25 -36.70
CA VAL C 226 30.43 -15.03 -37.03
C VAL C 226 29.23 -14.40 -36.33
N TYR C 227 28.18 -14.12 -37.10
CA TYR C 227 26.97 -13.52 -36.57
C TYR C 227 25.91 -14.61 -36.43
N TYR C 228 25.36 -14.74 -35.23
CA TYR C 228 24.43 -15.81 -34.92
C TYR C 228 23.02 -15.26 -34.71
N CYS C 229 22.03 -16.00 -35.19
CA CYS C 229 20.63 -15.62 -35.10
C CYS C 229 19.96 -16.51 -34.07
N MET C 230 19.34 -15.90 -33.06
CA MET C 230 18.72 -16.65 -31.97
C MET C 230 17.27 -16.20 -31.79
N GLN C 231 16.41 -17.15 -31.44
CA GLN C 231 15.01 -16.88 -31.16
C GLN C 231 14.74 -17.09 -29.68
N HIS C 232 13.78 -16.34 -29.14
CA HIS C 232 13.42 -16.44 -27.74
C HIS C 232 11.91 -16.55 -27.53
N LEU C 233 11.16 -16.94 -28.57
CA LEU C 233 9.71 -17.03 -28.46
C LEU C 233 9.31 -18.33 -27.74
N GLU C 234 9.61 -19.47 -28.34
CA GLU C 234 9.39 -20.76 -27.72
C GLU C 234 10.68 -21.22 -27.06
N TYR C 235 10.56 -21.74 -25.84
CA TYR C 235 11.73 -21.83 -24.98
C TYR C 235 12.77 -22.86 -25.42
N PRO C 236 12.46 -23.88 -26.24
CA PRO C 236 13.56 -24.68 -26.81
C PRO C 236 14.42 -23.83 -27.75
N LEU C 237 15.23 -22.95 -27.16
CA LEU C 237 16.06 -21.98 -27.86
C LEU C 237 16.92 -22.62 -28.94
N THR C 238 16.87 -22.06 -30.15
CA THR C 238 17.66 -22.55 -31.27
C THR C 238 18.43 -21.40 -31.88
N PHE C 239 19.74 -21.57 -32.01
CA PHE C 239 20.58 -20.58 -32.65
C PHE C 239 20.60 -20.82 -34.16
N GLY C 240 21.08 -19.82 -34.91
CA GLY C 240 21.24 -19.94 -36.34
C GLY C 240 22.52 -20.67 -36.68
N ALA C 241 22.61 -21.07 -37.96
CA ALA C 241 23.82 -21.76 -38.41
C ALA C 241 25.04 -20.85 -38.37
N GLY C 242 24.82 -19.54 -38.37
CA GLY C 242 25.91 -18.59 -38.32
C GLY C 242 26.31 -18.09 -39.69
N THR C 243 26.86 -16.88 -39.74
CA THR C 243 27.32 -16.26 -40.98
C THR C 243 28.69 -15.66 -40.70
N LYS C 244 29.75 -16.33 -41.16
CA LYS C 244 31.10 -15.84 -40.98
C LYS C 244 31.33 -14.59 -41.81
N LEU C 245 32.08 -13.65 -41.27
CA LEU C 245 32.41 -12.40 -41.95
C LEU C 245 33.92 -12.27 -42.04
N GLU C 246 34.43 -12.19 -43.27
CA GLU C 246 35.87 -12.20 -43.51
C GLU C 246 36.23 -11.08 -44.49
N LEU C 247 37.47 -10.62 -44.39
CA LEU C 247 37.94 -9.53 -45.24
C LEU C 247 38.54 -10.06 -46.53
N LYS C 248 38.59 -9.19 -47.53
CA LYS C 248 39.17 -9.54 -48.82
C LYS C 248 40.58 -8.98 -48.98
N ASP D 23 -46.70 -44.91 10.49
CA ASP D 23 -47.25 -44.91 11.85
C ASP D 23 -46.14 -45.10 12.88
N ILE D 24 -44.91 -44.76 12.49
CA ILE D 24 -43.78 -44.81 13.41
C ILE D 24 -43.93 -43.73 14.48
N ILE D 25 -44.27 -42.51 14.06
CA ILE D 25 -44.36 -41.39 14.99
C ILE D 25 -45.47 -41.63 16.02
N VAL D 26 -46.63 -42.10 15.55
CA VAL D 26 -47.76 -42.29 16.47
C VAL D 26 -47.47 -43.42 17.44
N ARG D 27 -46.80 -44.49 16.96
CA ARG D 27 -46.41 -45.58 17.86
C ARG D 27 -45.45 -45.09 18.94
N HIS D 28 -44.42 -44.35 18.53
CA HIS D 28 -43.44 -43.88 19.51
C HIS D 28 -44.07 -42.89 20.49
N TYR D 29 -44.93 -42.00 20.00
CA TYR D 29 -45.57 -41.05 20.90
C TYR D 29 -46.56 -41.73 21.83
N ASN D 30 -47.21 -42.80 21.37
CA ASN D 30 -48.09 -43.57 22.24
C ASN D 30 -47.29 -44.24 23.35
N TYR D 31 -46.15 -44.82 23.01
CA TYR D 31 -45.37 -45.56 23.99
C TYR D 31 -44.39 -44.70 24.78
N THR D 32 -44.27 -43.41 24.48
CA THR D 32 -43.50 -42.53 25.34
C THR D 32 -44.40 -41.68 26.23
N GLY D 33 -45.71 -41.65 25.93
CA GLY D 33 -46.68 -40.97 26.74
C GLY D 33 -47.20 -39.67 26.15
N LYS D 34 -46.52 -39.14 25.13
CA LYS D 34 -46.97 -37.85 24.52
C LYS D 34 -48.19 -38.13 23.64
N LEU D 35 -49.35 -37.63 24.07
CA LEU D 35 -50.60 -37.83 23.34
C LEU D 35 -51.42 -36.54 23.30
N THR D 48 -49.73 -19.83 23.46
CA THR D 48 -48.41 -19.46 23.95
C THR D 48 -47.37 -19.45 22.83
N SER D 49 -47.76 -19.98 21.67
CA SER D 49 -46.84 -20.02 20.54
C SER D 49 -46.69 -18.65 19.90
N VAL D 50 -47.73 -17.82 19.98
CA VAL D 50 -47.71 -16.52 19.33
C VAL D 50 -46.63 -15.63 19.93
N VAL D 51 -46.55 -15.59 21.26
CA VAL D 51 -45.53 -14.75 21.91
C VAL D 51 -44.14 -15.24 21.53
N PHE D 52 -43.96 -16.56 21.45
CA PHE D 52 -42.65 -17.10 21.09
C PHE D 52 -42.27 -16.73 19.66
N ILE D 53 -43.20 -16.85 18.72
CA ILE D 53 -42.87 -16.56 17.33
C ILE D 53 -42.60 -15.07 17.14
N LEU D 54 -43.34 -14.21 17.86
CA LEU D 54 -43.05 -12.78 17.81
C LEU D 54 -41.69 -12.46 18.42
N ILE D 55 -41.34 -13.13 19.53
CA ILE D 55 -40.01 -12.94 20.11
C ILE D 55 -38.93 -13.34 19.11
N CYS D 56 -39.14 -14.46 18.42
CA CYS D 56 -38.15 -14.92 17.45
C CYS D 56 -38.05 -13.98 16.25
N CYS D 57 -39.19 -13.40 15.84
CA CYS D 57 -39.14 -12.39 14.80
C CYS D 57 -38.34 -11.17 15.26
N PHE D 58 -38.49 -10.79 16.53
CA PHE D 58 -37.68 -9.70 17.07
C PHE D 58 -36.19 -10.07 17.07
N ILE D 59 -35.88 -11.32 17.38
CA ILE D 59 -34.50 -11.80 17.31
C ILE D 59 -33.96 -11.70 15.88
N ILE D 60 -34.79 -12.10 14.91
CA ILE D 60 -34.43 -11.95 13.50
C ILE D 60 -34.15 -10.50 13.17
N LEU D 61 -34.96 -9.59 13.73
CA LEU D 61 -34.74 -8.17 13.50
C LEU D 61 -33.40 -7.72 14.06
N GLU D 62 -33.06 -8.16 15.27
CA GLU D 62 -31.74 -7.85 15.84
C GLU D 62 -30.63 -8.35 14.93
N ASN D 63 -30.75 -9.58 14.45
CA ASN D 63 -29.66 -10.15 13.66
C ASN D 63 -29.53 -9.46 12.30
N ILE D 64 -30.66 -9.06 11.72
CA ILE D 64 -30.61 -8.27 10.49
C ILE D 64 -29.94 -6.93 10.74
N PHE D 65 -30.23 -6.30 11.89
CA PHE D 65 -29.57 -5.04 12.23
C PHE D 65 -28.06 -5.23 12.35
N VAL D 66 -27.63 -6.30 13.02
CA VAL D 66 -26.20 -6.55 13.19
C VAL D 66 -25.54 -6.81 11.84
N LEU D 67 -26.18 -7.61 10.98
CA LEU D 67 -25.61 -7.89 9.67
C LEU D 67 -25.53 -6.63 8.82
N LEU D 68 -26.55 -5.77 8.88
CA LEU D 68 -26.53 -4.52 8.15
C LEU D 68 -25.42 -3.61 8.65
N THR D 69 -25.23 -3.56 9.98
CA THR D 69 -24.15 -2.75 10.54
C THR D 69 -22.79 -3.25 10.09
N ILE D 70 -22.62 -4.58 10.05
CA ILE D 70 -21.36 -5.14 9.56
C ILE D 70 -21.16 -4.78 8.08
N TRP D 71 -22.22 -4.92 7.28
CA TRP D 71 -22.09 -4.71 5.84
C TRP D 71 -21.79 -3.25 5.50
N LYS D 72 -22.46 -2.31 6.16
CA LYS D 72 -22.32 -0.90 5.82
C LYS D 72 -20.91 -0.39 6.13
N THR D 73 -20.41 -0.70 7.32
CA THR D 73 -19.17 -0.13 7.80
C THR D 73 -17.97 -0.80 7.14
N LYS D 74 -17.07 0.01 6.57
CA LYS D 74 -15.93 -0.54 5.84
C LYS D 74 -14.85 -1.05 6.78
N LYS D 75 -14.59 -0.34 7.89
CA LYS D 75 -13.53 -0.76 8.80
C LYS D 75 -13.87 -2.03 9.56
N PHE D 76 -15.13 -2.49 9.48
CA PHE D 76 -15.53 -3.74 10.10
C PHE D 76 -15.20 -4.95 9.24
N HIS D 77 -14.59 -4.76 8.06
CA HIS D 77 -14.27 -5.85 7.16
C HIS D 77 -12.93 -6.47 7.55
N ARG D 78 -12.91 -7.02 8.76
CA ARG D 78 -11.72 -7.69 9.27
C ARG D 78 -12.16 -8.93 10.04
N PRO D 79 -11.26 -9.92 10.21
CA PRO D 79 -11.73 -11.27 10.59
C PRO D 79 -12.55 -11.35 11.87
N MET D 80 -12.25 -10.56 12.89
CA MET D 80 -13.02 -10.65 14.13
C MET D 80 -14.48 -10.26 13.91
N TYR D 81 -14.71 -9.18 13.19
CA TYR D 81 -16.08 -8.78 12.91
C TYR D 81 -16.72 -9.73 11.91
N TYR D 82 -15.92 -10.40 11.09
CA TYR D 82 -16.45 -11.47 10.25
C TYR D 82 -16.95 -12.63 11.09
N PHE D 83 -16.22 -12.98 12.15
CA PHE D 83 -16.70 -14.01 13.07
C PHE D 83 -17.97 -13.58 13.77
N ILE D 84 -18.04 -12.30 14.16
CA ILE D 84 -19.25 -11.78 14.78
C ILE D 84 -20.43 -11.87 13.82
N GLY D 85 -20.21 -11.53 12.55
CA GLY D 85 -21.26 -11.67 11.56
C GLY D 85 -21.64 -13.12 11.31
N ASN D 86 -20.68 -14.02 11.40
CA ASN D 86 -20.98 -15.45 11.29
C ASN D 86 -21.87 -15.91 12.43
N LEU D 87 -21.59 -15.44 13.64
CA LEU D 87 -22.47 -15.73 14.77
C LEU D 87 -23.85 -15.15 14.54
N ALA D 88 -23.92 -13.94 14.00
CA ALA D 88 -25.22 -13.33 13.69
C ALA D 88 -26.00 -14.16 12.69
N LEU D 89 -25.33 -14.64 11.64
CA LEU D 89 -26.00 -15.49 10.66
C LEU D 89 -26.45 -16.81 11.29
N SER D 90 -25.60 -17.40 12.14
CA SER D 90 -25.94 -18.68 12.74
C SER D 90 -27.16 -18.58 13.65
N ASP D 91 -27.18 -17.60 14.54
CA ASP D 91 -28.32 -17.50 15.44
C ASP D 91 -29.54 -16.90 14.74
N LEU D 92 -29.35 -16.18 13.63
CA LEU D 92 -30.47 -15.82 12.77
C LEU D 92 -31.14 -17.05 12.19
N LEU D 93 -30.34 -17.97 11.65
CA LEU D 93 -30.88 -19.22 11.15
C LEU D 93 -31.50 -20.03 12.29
N ALA D 94 -31.05 -19.79 13.52
CA ALA D 94 -31.69 -20.45 14.67
C ALA D 94 -32.99 -19.69 14.97
N GLY D 95 -33.14 -18.49 14.40
CA GLY D 95 -34.36 -17.70 14.63
C GLY D 95 -35.42 -18.13 13.65
N VAL D 96 -35.02 -18.44 12.42
CA VAL D 96 -35.97 -18.93 11.39
C VAL D 96 -36.40 -20.33 11.83
N ALA D 97 -35.45 -21.27 11.80
CA ALA D 97 -35.61 -22.70 12.16
C ALA D 97 -36.39 -22.89 13.45
N TYR D 98 -36.08 -22.15 14.52
CA TYR D 98 -36.91 -22.38 15.72
C TYR D 98 -38.34 -22.01 15.36
N THR D 99 -38.45 -20.97 14.52
CA THR D 99 -39.78 -20.50 14.08
C THR D 99 -40.51 -21.67 13.45
N ALA D 100 -39.83 -22.30 12.48
CA ALA D 100 -40.38 -23.44 11.74
C ALA D 100 -40.81 -24.50 12.76
N ASN D 101 -39.92 -24.87 13.65
CA ASN D 101 -40.21 -25.87 14.66
C ASN D 101 -41.47 -25.54 15.47
N LEU D 102 -41.49 -24.34 16.02
CA LEU D 102 -42.65 -23.87 16.82
C LEU D 102 -43.94 -23.94 16.03
N LEU D 103 -43.95 -23.59 14.74
CA LEU D 103 -45.24 -23.55 13.98
C LEU D 103 -45.65 -24.92 13.46
N LEU D 104 -44.67 -25.77 13.08
CA LEU D 104 -44.86 -27.11 12.44
C LEU D 104 -45.06 -28.20 13.48
N SER D 105 -45.02 -27.84 14.75
CA SER D 105 -45.14 -28.77 15.91
C SER D 105 -46.61 -29.04 16.25
N GLY D 106 -46.88 -29.15 17.54
CA GLY D 106 -48.24 -29.22 18.01
C GLY D 106 -49.03 -30.35 17.39
N ALA D 107 -50.28 -30.05 17.06
CA ALA D 107 -51.20 -31.05 16.53
C ALA D 107 -50.89 -31.42 15.09
N THR D 108 -50.04 -30.64 14.42
CA THR D 108 -49.70 -30.89 13.02
C THR D 108 -48.43 -31.73 12.86
N THR D 109 -47.83 -32.19 13.97
CA THR D 109 -46.68 -33.07 13.86
C THR D 109 -47.11 -34.49 13.47
N TYR D 110 -48.39 -34.81 13.66
CA TYR D 110 -48.89 -36.11 13.25
C TYR D 110 -49.03 -36.21 11.74
N LYS D 111 -49.33 -35.08 11.08
CA LYS D 111 -49.41 -35.07 9.63
C LYS D 111 -48.04 -35.30 9.00
N LEU D 112 -46.98 -34.93 9.72
CA LEU D 112 -45.62 -35.10 9.21
C LEU D 112 -45.28 -36.58 9.08
N THR D 113 -44.62 -36.92 7.99
CA THR D 113 -44.04 -38.25 7.87
C THR D 113 -42.75 -38.31 8.70
N PRO D 114 -42.28 -39.51 9.03
CA PRO D 114 -41.05 -39.60 9.84
C PRO D 114 -39.87 -38.86 9.24
N ALA D 115 -39.73 -38.86 7.91
CA ALA D 115 -38.66 -38.10 7.28
C ALA D 115 -38.81 -36.61 7.54
N GLN D 116 -40.04 -36.08 7.43
CA GLN D 116 -40.25 -34.67 7.69
C GLN D 116 -40.05 -34.33 9.16
N TRP D 117 -40.43 -35.25 10.05
CA TRP D 117 -40.17 -35.04 11.48
C TRP D 117 -38.67 -34.94 11.72
N PHE D 118 -37.91 -35.86 11.12
CA PHE D 118 -36.46 -35.86 11.29
C PHE D 118 -35.85 -34.59 10.73
N LEU D 119 -36.32 -34.12 9.58
CA LEU D 119 -35.82 -32.85 9.05
C LEU D 119 -36.14 -31.70 9.99
N ARG D 120 -37.35 -31.67 10.55
CA ARG D 120 -37.71 -30.60 11.47
C ARG D 120 -36.80 -30.58 12.70
N GLU D 121 -36.59 -31.76 13.30
CA GLU D 121 -35.72 -31.82 14.48
C GLU D 121 -34.27 -31.52 14.14
N GLY D 122 -33.80 -32.03 13.00
CA GLY D 122 -32.44 -31.77 12.57
C GLY D 122 -32.18 -30.31 12.28
N SER D 123 -33.18 -29.59 11.79
CA SER D 123 -33.01 -28.16 11.58
C SER D 123 -32.69 -27.44 12.88
N MET D 124 -33.45 -27.73 13.94
CA MET D 124 -33.16 -27.15 15.24
C MET D 124 -31.80 -27.59 15.76
N PHE D 125 -31.49 -28.88 15.63
CA PHE D 125 -30.21 -29.37 16.16
C PHE D 125 -29.04 -28.70 15.45
N VAL D 126 -29.08 -28.63 14.12
CA VAL D 126 -28.00 -28.01 13.36
C VAL D 126 -27.93 -26.51 13.61
N ALA D 127 -29.06 -25.82 13.76
CA ALA D 127 -29.01 -24.39 14.03
C ALA D 127 -28.41 -24.09 15.40
N LEU D 128 -28.85 -24.80 16.44
CA LEU D 128 -28.31 -24.57 17.77
C LEU D 128 -26.84 -24.97 17.85
N SER D 129 -26.48 -26.09 17.21
CA SER D 129 -25.08 -26.50 17.17
C SER D 129 -24.21 -25.48 16.44
N ALA D 130 -24.72 -24.92 15.33
CA ALA D 130 -23.98 -23.89 14.63
C ALA D 130 -23.81 -22.65 15.48
N SER D 131 -24.84 -22.28 16.25
CA SER D 131 -24.71 -21.14 17.15
C SER D 131 -23.64 -21.38 18.21
N VAL D 132 -23.68 -22.56 18.85
CA VAL D 132 -22.70 -22.85 19.89
C VAL D 132 -21.30 -22.92 19.31
N PHE D 133 -21.17 -23.49 18.11
CA PHE D 133 -19.84 -23.56 17.48
C PHE D 133 -19.38 -22.19 17.02
N SER D 134 -20.31 -21.29 16.71
CA SER D 134 -19.93 -19.91 16.42
C SER D 134 -19.38 -19.21 17.65
N LEU D 135 -20.03 -19.42 18.80
CA LEU D 135 -19.46 -18.93 20.05
C LEU D 135 -18.08 -19.53 20.30
N LEU D 136 -17.93 -20.83 20.04
CA LEU D 136 -16.63 -21.47 20.23
C LEU D 136 -15.56 -20.89 19.30
N ALA D 137 -15.92 -20.63 18.05
CA ALA D 137 -14.96 -20.06 17.10
C ALA D 137 -14.57 -18.64 17.50
N ILE D 138 -15.54 -17.84 17.96
CA ILE D 138 -15.23 -16.51 18.45
C ILE D 138 -14.31 -16.58 19.65
N ALA D 139 -14.57 -17.51 20.57
CA ALA D 139 -13.71 -17.68 21.74
C ALA D 139 -12.30 -18.09 21.32
N ILE D 140 -12.18 -19.00 20.36
CA ILE D 140 -10.87 -19.44 19.89
C ILE D 140 -10.11 -18.28 19.26
N GLU D 141 -10.78 -17.51 18.41
CA GLU D 141 -10.13 -16.38 17.74
C GLU D 141 -9.67 -15.35 18.75
N ARG D 142 -10.53 -15.04 19.73
CA ARG D 142 -10.17 -14.08 20.77
C ARG D 142 -9.01 -14.58 21.61
N TYR D 143 -9.00 -15.88 21.93
CA TYR D 143 -7.91 -16.44 22.71
C TYR D 143 -6.59 -16.38 21.95
N ILE D 144 -6.63 -16.66 20.65
CA ILE D 144 -5.40 -16.57 19.85
C ILE D 144 -4.92 -15.13 19.77
N THR D 145 -5.85 -14.19 19.60
CA THR D 145 -5.46 -12.78 19.54
C THR D 145 -4.87 -12.30 20.85
N MET D 146 -5.42 -12.78 21.98
CA MET D 146 -4.83 -12.45 23.27
C MET D 146 -3.48 -13.12 23.47
N LEU D 147 -3.30 -14.34 22.93
CA LEU D 147 -2.04 -15.04 23.10
C LEU D 147 -0.91 -14.33 22.36
N LYS D 148 -1.16 -13.95 21.11
CA LYS D 148 -0.16 -13.26 20.31
C LYS D 148 -0.37 -11.76 20.41
N MET D 149 0.59 -11.05 21.00
CA MET D 149 0.50 -9.59 21.09
C MET D 149 0.31 -8.96 19.72
N LYS D 150 1.31 -9.11 18.84
CA LYS D 150 1.32 -8.45 17.54
C LYS D 150 1.21 -6.93 17.68
N LEU D 151 1.12 -6.22 16.56
CA LEU D 151 0.79 -4.81 16.59
C LEU D 151 -0.36 -4.57 15.61
N HIS D 152 -0.35 -5.32 14.51
CA HIS D 152 -1.43 -5.34 13.54
C HIS D 152 -1.72 -6.80 13.22
N ASN D 153 -2.85 -7.30 13.71
CA ASN D 153 -3.15 -8.72 13.55
C ASN D 153 -3.30 -9.08 12.08
N GLY D 154 -3.93 -8.22 11.30
CA GLY D 154 -4.11 -8.47 9.88
C GLY D 154 -5.24 -9.43 9.58
N SER D 155 -5.32 -9.81 8.31
CA SER D 155 -6.37 -10.71 7.83
C SER D 155 -5.76 -12.08 7.58
N ASN D 156 -5.94 -12.99 8.54
CA ASN D 156 -5.52 -14.37 8.38
C ASN D 156 -6.75 -15.17 7.93
N ASN D 157 -7.04 -15.05 6.63
CA ASN D 157 -8.23 -15.68 6.07
C ASN D 157 -8.17 -17.21 6.13
N PHE D 158 -6.97 -17.79 6.19
CA PHE D 158 -6.86 -19.24 6.30
C PHE D 158 -7.49 -19.74 7.59
N ARG D 159 -7.10 -19.15 8.72
CA ARG D 159 -7.65 -19.56 10.01
C ARG D 159 -9.15 -19.31 10.09
N LEU D 160 -9.60 -18.15 9.60
CA LEU D 160 -11.02 -17.83 9.64
C LEU D 160 -11.84 -18.81 8.80
N PHE D 161 -11.37 -19.10 7.59
CA PHE D 161 -12.07 -20.06 6.75
C PHE D 161 -12.06 -21.45 7.37
N LEU D 162 -10.93 -21.86 7.96
CA LEU D 162 -10.87 -23.17 8.59
C LEU D 162 -11.86 -23.27 9.74
N LEU D 163 -11.90 -22.26 10.61
CA LEU D 163 -12.80 -22.29 11.75
C LEU D 163 -14.27 -22.27 11.31
N ILE D 164 -14.59 -21.40 10.35
CA ILE D 164 -15.97 -21.29 9.90
C ILE D 164 -16.42 -22.58 9.22
N SER D 165 -15.57 -23.14 8.36
CA SER D 165 -15.91 -24.40 7.70
C SER D 165 -16.05 -25.53 8.71
N ALA D 166 -15.16 -25.59 9.71
CA ALA D 166 -15.27 -26.63 10.72
C ALA D 166 -16.59 -26.53 11.47
N CYS D 167 -16.94 -25.33 11.91
CA CYS D 167 -18.20 -25.15 12.65
C CYS D 167 -19.39 -25.51 11.80
N TRP D 168 -19.45 -24.98 10.57
CA TRP D 168 -20.64 -25.16 9.75
C TRP D 168 -20.68 -26.51 9.04
N VAL D 169 -19.63 -27.31 9.15
CA VAL D 169 -19.68 -28.70 8.71
C VAL D 169 -20.00 -29.65 9.86
N ILE D 170 -19.37 -29.48 11.03
CA ILE D 170 -19.72 -30.26 12.21
C ILE D 170 -21.18 -30.06 12.61
N SER D 171 -21.72 -28.84 12.50
CA SER D 171 -23.12 -28.63 12.83
C SER D 171 -24.04 -29.47 11.95
N LEU D 172 -23.81 -29.45 10.63
CA LEU D 172 -24.63 -30.24 9.72
C LEU D 172 -24.46 -31.73 9.97
N ILE D 173 -23.23 -32.18 10.24
CA ILE D 173 -23.01 -33.58 10.56
C ILE D 173 -23.86 -34.00 11.75
N LEU D 174 -23.64 -33.37 12.91
CA LEU D 174 -24.38 -33.76 14.11
C LEU D 174 -25.87 -33.66 13.78
N GLY D 175 -26.28 -32.66 13.01
CA GLY D 175 -27.69 -32.53 12.72
C GLY D 175 -28.23 -33.68 11.89
N GLY D 176 -27.39 -34.30 11.07
CA GLY D 176 -27.80 -35.36 10.18
C GLY D 176 -27.62 -36.78 10.68
N LEU D 177 -26.96 -36.98 11.82
CA LEU D 177 -26.81 -38.34 12.34
C LEU D 177 -28.12 -39.08 12.58
N PRO D 178 -29.19 -38.48 13.16
CA PRO D 178 -30.42 -39.26 13.37
C PRO D 178 -31.01 -39.84 12.10
N ILE D 179 -30.96 -39.12 10.98
CA ILE D 179 -31.58 -39.62 9.75
C ILE D 179 -30.66 -40.63 9.07
N MET D 180 -29.37 -40.61 9.39
CA MET D 180 -28.43 -41.51 8.74
C MET D 180 -28.58 -42.93 9.25
N GLY D 181 -29.16 -43.11 10.43
CA GLY D 181 -29.37 -44.44 10.96
C GLY D 181 -29.19 -44.57 12.45
N TRP D 182 -28.68 -43.53 13.11
CA TRP D 182 -28.55 -43.53 14.56
C TRP D 182 -29.82 -42.94 15.21
N ASN D 183 -30.93 -43.64 14.99
CA ASN D 183 -32.22 -43.20 15.50
C ASN D 183 -32.96 -44.31 16.23
N CYS D 184 -34.19 -44.02 16.66
CA CYS D 184 -34.94 -44.89 17.56
C CYS D 184 -35.76 -45.95 16.82
N ILE D 185 -35.80 -45.91 15.49
CA ILE D 185 -36.67 -46.80 14.73
C ILE D 185 -36.36 -48.25 15.09
N SER D 186 -37.41 -49.00 15.42
CA SER D 186 -37.40 -50.42 15.77
C SER D 186 -36.76 -50.69 17.13
N ALA D 187 -36.36 -49.66 17.88
CA ALA D 187 -35.75 -49.82 19.20
C ALA D 187 -36.45 -48.88 20.17
N LEU D 188 -37.54 -49.34 20.76
CA LEU D 188 -38.35 -48.52 21.66
C LEU D 188 -37.99 -48.69 23.13
N SER D 189 -37.06 -49.60 23.46
CA SER D 189 -36.63 -49.79 24.83
C SER D 189 -35.42 -48.95 25.20
N SER D 190 -34.85 -48.22 24.24
CA SER D 190 -33.69 -47.36 24.46
C SER D 190 -33.94 -46.02 23.78
N CYS D 191 -35.13 -45.46 24.01
CA CYS D 191 -35.61 -44.32 23.23
C CYS D 191 -35.83 -43.12 24.14
N SER D 192 -35.45 -41.94 23.66
CA SER D 192 -35.63 -40.72 24.43
C SER D 192 -37.13 -40.37 24.51
N THR D 193 -37.48 -39.65 25.58
CA THR D 193 -38.89 -39.31 25.79
C THR D 193 -39.24 -37.96 25.18
N VAL D 194 -38.36 -36.96 25.33
CA VAL D 194 -38.64 -35.64 24.79
C VAL D 194 -38.70 -35.68 23.26
N LEU D 195 -37.79 -36.44 22.63
CA LEU D 195 -37.84 -36.69 21.20
C LEU D 195 -38.06 -38.18 20.98
N PRO D 196 -39.30 -38.63 20.80
CA PRO D 196 -39.58 -40.07 20.85
C PRO D 196 -39.08 -40.88 19.66
N LEU D 197 -38.32 -40.25 18.75
CA LEU D 197 -37.65 -40.99 17.70
C LEU D 197 -36.16 -40.74 17.67
N TYR D 198 -35.61 -39.98 18.62
CA TYR D 198 -34.18 -39.81 18.76
C TYR D 198 -33.62 -40.84 19.72
N HIS D 199 -32.53 -41.48 19.31
CA HIS D 199 -31.96 -42.54 20.13
C HIS D 199 -31.36 -41.98 21.42
N LYS D 200 -31.56 -42.72 22.51
CA LYS D 200 -31.07 -42.29 23.81
C LYS D 200 -29.55 -42.12 23.81
N HIS D 201 -28.85 -43.06 23.17
CA HIS D 201 -27.40 -42.96 23.08
C HIS D 201 -26.99 -41.74 22.25
N TYR D 202 -27.77 -41.39 21.22
CA TYR D 202 -27.46 -40.19 20.45
C TYR D 202 -27.71 -38.93 21.26
N ILE D 203 -28.76 -38.93 22.09
CA ILE D 203 -28.98 -37.80 22.98
C ILE D 203 -27.83 -37.66 23.95
N LEU D 204 -27.34 -38.78 24.49
CA LEU D 204 -26.17 -38.74 25.36
C LEU D 204 -24.95 -38.20 24.62
N PHE D 205 -24.76 -38.61 23.36
CA PHE D 205 -23.64 -38.10 22.58
C PHE D 205 -23.74 -36.61 22.36
N CYS D 206 -24.93 -36.11 22.03
CA CYS D 206 -25.11 -34.68 21.84
C CYS D 206 -24.88 -33.91 23.13
N THR D 207 -25.36 -34.44 24.26
CA THR D 207 -25.12 -33.82 25.55
C THR D 207 -23.63 -33.78 25.87
N THR D 208 -22.90 -34.86 25.57
CA THR D 208 -21.46 -34.88 25.80
C THR D 208 -20.74 -33.86 24.92
N VAL D 209 -21.15 -33.75 23.65
CA VAL D 209 -20.55 -32.76 22.77
C VAL D 209 -20.80 -31.35 23.28
N PHE D 210 -22.03 -31.06 23.70
CA PHE D 210 -22.32 -29.74 24.24
C PHE D 210 -21.52 -29.48 25.51
N THR D 211 -21.34 -30.51 26.34
CA THR D 211 -20.51 -30.36 27.53
C THR D 211 -19.07 -30.00 27.16
N LEU D 212 -18.54 -30.67 26.13
CA LEU D 212 -17.18 -30.38 25.71
C LEU D 212 -17.05 -28.94 25.19
N LEU D 213 -17.99 -28.49 24.36
CA LEU D 213 -17.93 -27.12 23.88
C LEU D 213 -18.13 -26.11 25.01
N LEU D 214 -19.03 -26.39 25.95
CA LEU D 214 -19.24 -25.48 27.07
C LEU D 214 -17.98 -25.36 27.91
N LEU D 215 -17.34 -26.49 28.21
CA LEU D 215 -16.11 -26.46 28.98
C LEU D 215 -15.01 -25.73 28.21
N SER D 216 -14.94 -25.95 26.88
CA SER D 216 -13.93 -25.29 26.07
C SER D 216 -14.11 -23.78 26.09
N ILE D 217 -15.36 -23.32 25.95
CA ILE D 217 -15.63 -21.88 25.95
C ILE D 217 -15.32 -21.27 27.32
N VAL D 218 -15.72 -21.97 28.39
CA VAL D 218 -15.45 -21.49 29.74
C VAL D 218 -13.94 -21.35 29.95
N ILE D 219 -13.18 -22.39 29.60
CA ILE D 219 -11.74 -22.37 29.81
C ILE D 219 -11.09 -21.31 28.94
N LEU D 220 -11.58 -21.15 27.70
CA LEU D 220 -10.99 -20.17 26.80
C LEU D 220 -11.17 -18.75 27.32
N TYR D 221 -12.39 -18.41 27.76
CA TYR D 221 -12.62 -17.07 28.26
C TYR D 221 -11.91 -16.84 29.60
N CYS D 222 -11.86 -17.86 30.45
CA CYS D 222 -11.11 -17.75 31.69
C CYS D 222 -9.63 -17.53 31.43
N ARG D 223 -9.07 -18.22 30.44
CA ARG D 223 -7.66 -18.03 30.11
C ARG D 223 -7.42 -16.67 29.48
N ILE D 224 -8.39 -16.16 28.70
CA ILE D 224 -8.27 -14.81 28.16
C ILE D 224 -8.19 -13.80 29.29
N TYR D 225 -9.10 -13.91 30.25
CA TYR D 225 -9.09 -12.99 31.40
C TYR D 225 -7.81 -13.16 32.21
N SER D 226 -7.36 -14.40 32.43
CA SER D 226 -6.16 -14.61 33.20
C SER D 226 -4.93 -14.02 32.51
N LEU D 227 -4.82 -14.20 31.19
CA LEU D 227 -3.71 -13.63 30.45
C LEU D 227 -3.72 -12.10 30.55
N VAL D 228 -4.87 -11.49 30.32
CA VAL D 228 -4.94 -10.03 30.38
C VAL D 228 -4.60 -9.53 31.78
N ARG D 229 -5.13 -10.20 32.81
CA ARG D 229 -4.87 -9.77 34.18
C ARG D 229 -3.41 -9.93 34.56
N THR D 230 -2.78 -11.04 34.17
CA THR D 230 -1.40 -11.26 34.57
C THR D 230 -0.44 -10.37 33.77
N ARG D 231 -0.84 -9.99 32.56
CA ARG D 231 -0.02 -9.05 31.79
C ARG D 231 -0.17 -7.63 32.32
N SER D 232 -1.38 -7.27 32.76
CA SER D 232 -1.59 -5.94 33.30
C SER D 232 -0.88 -5.75 34.63
N ARG D 233 -0.93 -6.76 35.50
CA ARG D 233 -0.39 -6.62 36.84
C ARG D 233 1.14 -6.57 36.88
N ARG D 234 1.82 -7.05 35.85
CA ARG D 234 3.28 -7.07 35.83
C ARG D 234 3.88 -5.79 35.26
N LEU D 235 3.05 -4.81 34.91
CA LEU D 235 3.46 -3.52 34.37
C LEU D 235 3.06 -2.31 35.21
N THR D 236 4.07 -1.57 35.66
CA THR D 236 4.01 -0.40 36.56
C THR D 236 3.67 1.02 36.12
N PHE D 237 2.68 1.64 36.75
CA PHE D 237 2.32 3.03 36.50
C PHE D 237 2.17 3.73 37.87
N GLU D 249 -10.67 -0.23 35.10
CA GLU D 249 -9.52 -0.49 34.24
C GLU D 249 -9.83 -1.58 33.23
N LYS D 250 -8.80 -2.03 32.52
CA LYS D 250 -9.00 -3.10 31.53
C LYS D 250 -9.45 -4.39 32.19
N SER D 251 -8.83 -4.74 33.32
CA SER D 251 -9.15 -6.01 33.97
C SER D 251 -10.58 -6.05 34.47
N LEU D 252 -11.04 -4.95 35.10
CA LEU D 252 -12.41 -4.94 35.62
C LEU D 252 -13.44 -4.98 34.51
N ALA D 253 -13.24 -4.20 33.45
CA ALA D 253 -14.17 -4.22 32.33
C ALA D 253 -14.20 -5.58 31.65
N LEU D 254 -13.02 -6.19 31.47
CA LEU D 254 -12.97 -7.51 30.86
C LEU D 254 -13.65 -8.55 31.75
N LEU D 255 -13.46 -8.46 33.07
CA LEU D 255 -14.14 -9.37 33.97
C LEU D 255 -15.64 -9.20 33.89
N LYS D 256 -16.11 -7.96 33.82
CA LYS D 256 -17.55 -7.72 33.70
C LYS D 256 -18.09 -8.31 32.41
N THR D 257 -17.37 -8.11 31.29
CA THR D 257 -17.82 -8.66 30.01
C THR D 257 -17.86 -10.19 30.05
N VAL D 258 -16.79 -10.80 30.60
CA VAL D 258 -16.73 -12.26 30.67
C VAL D 258 -17.85 -12.79 31.55
N ILE D 259 -18.09 -12.15 32.69
CA ILE D 259 -19.16 -12.58 33.59
C ILE D 259 -20.50 -12.49 32.89
N ILE D 260 -20.76 -11.37 32.19
CA ILE D 260 -22.04 -11.21 31.50
C ILE D 260 -22.22 -12.32 30.47
N VAL D 261 -21.22 -12.51 29.60
CA VAL D 261 -21.36 -13.49 28.52
C VAL D 261 -21.57 -14.89 29.10
N LEU D 262 -20.69 -15.30 30.02
CA LEU D 262 -20.71 -16.66 30.52
C LEU D 262 -21.95 -16.93 31.36
N SER D 263 -22.32 -15.99 32.23
CA SER D 263 -23.51 -16.17 33.04
C SER D 263 -24.76 -16.25 32.19
N VAL D 264 -24.88 -15.37 31.18
CA VAL D 264 -26.05 -15.43 30.31
C VAL D 264 -26.11 -16.77 29.59
N PHE D 265 -24.98 -17.21 29.02
CA PHE D 265 -24.98 -18.46 28.27
C PHE D 265 -25.35 -19.64 29.16
N ILE D 266 -24.69 -19.76 30.31
CA ILE D 266 -24.94 -20.89 31.20
C ILE D 266 -26.36 -20.86 31.74
N ALA D 267 -26.84 -19.70 32.19
CA ALA D 267 -28.17 -19.62 32.75
C ALA D 267 -29.24 -19.93 31.71
N CYS D 268 -29.04 -19.48 30.48
CA CYS D 268 -30.06 -19.70 29.46
C CYS D 268 -30.04 -21.14 28.94
N TRP D 269 -28.87 -21.76 28.85
CA TRP D 269 -28.74 -23.14 28.30
C TRP D 269 -28.76 -24.19 29.41
N ALA D 270 -28.89 -23.83 30.68
CA ALA D 270 -28.95 -24.83 31.74
C ALA D 270 -30.23 -25.66 31.72
N PRO D 271 -31.44 -25.08 31.63
CA PRO D 271 -32.64 -25.94 31.67
C PRO D 271 -32.68 -26.99 30.58
N LEU D 272 -32.31 -26.62 29.35
CA LEU D 272 -32.33 -27.58 28.25
C LEU D 272 -31.32 -28.69 28.47
N PHE D 273 -30.11 -28.35 28.95
CA PHE D 273 -29.10 -29.37 29.20
C PHE D 273 -29.53 -30.30 30.32
N ILE D 274 -30.14 -29.75 31.37
CA ILE D 274 -30.63 -30.59 32.47
C ILE D 274 -31.73 -31.52 31.97
N LEU D 275 -32.62 -31.01 31.11
CA LEU D 275 -33.66 -31.85 30.53
C LEU D 275 -33.07 -32.97 29.68
N LEU D 276 -32.04 -32.66 28.89
CA LEU D 276 -31.40 -33.67 28.06
C LEU D 276 -30.72 -34.74 28.91
N LEU D 277 -30.10 -34.33 30.02
CA LEU D 277 -29.54 -35.32 30.93
C LEU D 277 -30.63 -36.16 31.58
N LEU D 278 -31.77 -35.54 31.91
CA LEU D 278 -32.80 -36.22 32.68
C LEU D 278 -33.55 -37.24 31.82
N ASP D 279 -33.78 -36.92 30.54
CA ASP D 279 -34.63 -37.79 29.72
C ASP D 279 -34.04 -39.18 29.55
N VAL D 280 -32.71 -39.30 29.48
CA VAL D 280 -32.08 -40.61 29.38
C VAL D 280 -32.35 -41.42 30.64
N GLY D 281 -32.23 -40.80 31.81
CA GLY D 281 -32.46 -41.47 33.07
C GLY D 281 -33.91 -41.71 33.43
N CYS D 282 -34.84 -41.15 32.67
CA CYS D 282 -36.26 -41.35 32.91
C CYS D 282 -36.83 -42.29 31.86
N LYS D 283 -37.43 -43.39 32.32
CA LYS D 283 -38.14 -44.28 31.43
C LYS D 283 -39.45 -43.63 30.97
N VAL D 284 -40.00 -44.14 29.87
CA VAL D 284 -41.23 -43.60 29.32
C VAL D 284 -42.34 -43.67 30.37
N LYS D 285 -43.27 -42.72 30.31
CA LYS D 285 -44.44 -42.62 31.18
C LYS D 285 -44.10 -42.36 32.64
N THR D 286 -42.84 -42.08 32.95
CA THR D 286 -42.43 -41.86 34.33
C THR D 286 -42.25 -40.39 34.67
N CYS D 287 -41.40 -39.68 33.95
CA CYS D 287 -41.05 -38.31 34.28
C CYS D 287 -41.98 -37.36 33.52
N ASP D 288 -42.83 -36.65 34.26
CA ASP D 288 -43.82 -35.77 33.67
C ASP D 288 -43.20 -34.46 33.18
N ILE D 289 -42.13 -34.00 33.84
CA ILE D 289 -41.53 -32.73 33.48
C ILE D 289 -40.96 -32.76 32.07
N LEU D 290 -40.66 -33.95 31.55
CA LEU D 290 -40.17 -34.06 30.18
C LEU D 290 -41.19 -33.57 29.16
N PHE D 291 -42.48 -33.66 29.49
CA PHE D 291 -43.53 -33.23 28.57
C PHE D 291 -43.48 -31.72 28.34
N ARG D 292 -43.25 -30.94 29.40
CA ARG D 292 -43.19 -29.50 29.30
C ARG D 292 -41.78 -29.04 28.93
N ALA D 293 -41.35 -29.46 27.75
CA ALA D 293 -39.99 -29.22 27.28
C ALA D 293 -39.86 -28.01 26.37
N GLU D 294 -40.95 -27.27 26.12
CA GLU D 294 -40.89 -26.14 25.21
C GLU D 294 -40.22 -24.93 25.84
N TYR D 295 -40.39 -24.71 27.14
CA TYR D 295 -39.86 -23.52 27.79
C TYR D 295 -38.34 -23.52 27.78
N PHE D 296 -37.72 -24.69 27.93
CA PHE D 296 -36.26 -24.76 27.95
C PHE D 296 -35.69 -24.34 26.59
N LEU D 297 -36.31 -24.82 25.51
CA LEU D 297 -35.91 -24.38 24.18
C LEU D 297 -36.22 -22.90 23.98
N VAL D 298 -37.28 -22.39 24.61
CA VAL D 298 -37.55 -20.95 24.57
C VAL D 298 -36.39 -20.18 25.18
N LEU D 299 -35.91 -20.60 26.35
CA LEU D 299 -34.78 -19.92 26.98
C LEU D 299 -33.53 -20.03 26.13
N ALA D 300 -33.33 -21.17 25.48
CA ALA D 300 -32.21 -21.28 24.52
C ALA D 300 -32.34 -20.24 23.41
N VAL D 301 -33.57 -20.03 22.92
CA VAL D 301 -33.78 -19.07 21.84
C VAL D 301 -33.54 -17.64 22.33
N LEU D 302 -33.95 -17.33 23.57
CA LEU D 302 -33.61 -16.03 24.15
C LEU D 302 -32.11 -15.87 24.32
N ASN D 303 -31.38 -16.95 24.61
CA ASN D 303 -29.92 -16.90 24.59
C ASN D 303 -29.43 -16.50 23.21
N SER D 304 -29.94 -17.17 22.18
CA SER D 304 -29.59 -16.85 20.81
C SER D 304 -29.86 -15.39 20.49
N GLY D 305 -30.94 -14.83 21.06
CA GLY D 305 -31.30 -13.46 20.75
C GLY D 305 -30.57 -12.41 21.53
N THR D 306 -30.19 -12.71 22.77
CA THR D 306 -29.40 -11.80 23.58
C THR D 306 -27.93 -11.85 23.24
N ASN D 307 -27.48 -12.85 22.48
CA ASN D 307 -26.09 -12.79 21.99
C ASN D 307 -25.84 -11.56 21.14
N PRO D 308 -26.69 -11.19 20.17
CA PRO D 308 -26.55 -9.86 19.56
C PRO D 308 -26.42 -8.73 20.55
N ILE D 309 -27.28 -8.69 21.58
CA ILE D 309 -27.28 -7.58 22.53
C ILE D 309 -25.96 -7.52 23.28
N ILE D 310 -25.48 -8.67 23.75
CA ILE D 310 -24.25 -8.69 24.52
C ILE D 310 -23.06 -8.34 23.65
N TYR D 311 -23.02 -8.86 22.42
CA TYR D 311 -21.88 -8.64 21.54
C TYR D 311 -21.94 -7.30 20.83
N THR D 312 -23.02 -6.54 20.98
CA THR D 312 -23.07 -5.17 20.46
C THR D 312 -22.96 -4.11 21.53
N LEU D 313 -23.53 -4.36 22.72
CA LEU D 313 -23.48 -3.37 23.79
C LEU D 313 -22.08 -3.24 24.37
N THR D 314 -21.38 -4.37 24.54
CA THR D 314 -20.05 -4.32 25.12
C THR D 314 -19.07 -3.56 24.25
N ASN D 315 -19.11 -3.80 22.93
CA ASN D 315 -18.18 -3.16 22.01
C ASN D 315 -18.65 -1.74 21.72
N LYS D 316 -17.86 -0.75 22.14
CA LYS D 316 -18.25 0.65 21.94
C LYS D 316 -18.36 0.98 20.47
N GLU D 317 -17.46 0.44 19.64
CA GLU D 317 -17.51 0.71 18.20
C GLU D 317 -18.82 0.22 17.59
N MET D 318 -19.32 -0.94 18.05
CA MET D 318 -20.62 -1.41 17.57
C MET D 318 -21.73 -0.43 17.91
N ARG D 319 -21.75 0.09 19.13
CA ARG D 319 -22.78 1.06 19.50
C ARG D 319 -22.67 2.33 18.65
N ARG D 320 -21.45 2.82 18.47
CA ARG D 320 -21.27 4.06 17.71
C ARG D 320 -21.67 3.88 16.25
N ALA D 321 -21.37 2.72 15.67
CA ALA D 321 -21.75 2.47 14.28
C ALA D 321 -23.24 2.24 14.15
N PHE D 322 -23.85 1.58 15.14
CA PHE D 322 -25.28 1.27 15.06
C PHE D 322 -26.14 2.50 15.29
N ILE D 323 -25.72 3.42 16.15
CA ILE D 323 -26.49 4.63 16.38
C ILE D 323 -26.59 5.46 15.10
N ARG D 324 -25.48 5.62 14.40
CA ARG D 324 -25.48 6.36 13.13
C ARG D 324 -26.07 5.50 12.02
N CYS E 3 -2.21 -20.51 -21.54
CA CYS E 3 -1.25 -19.47 -21.18
C CYS E 3 -0.73 -18.75 -22.42
N THR E 4 -1.19 -17.53 -22.63
CA THR E 4 -0.79 -16.72 -23.78
C THR E 4 0.58 -16.07 -23.60
N LEU E 5 1.12 -16.06 -22.38
CA LEU E 5 2.38 -15.40 -22.13
C LEU E 5 3.52 -16.09 -22.87
N SER E 6 4.55 -15.31 -23.19
CA SER E 6 5.74 -15.83 -23.83
C SER E 6 6.77 -16.21 -22.78
N ALA E 7 7.93 -16.71 -23.22
CA ALA E 7 8.99 -17.07 -22.28
C ALA E 7 9.46 -15.85 -21.51
N GLU E 8 9.70 -14.74 -22.21
CA GLU E 8 10.08 -13.50 -21.53
C GLU E 8 8.95 -12.99 -20.62
N ASP E 9 7.71 -13.08 -21.07
CA ASP E 9 6.58 -12.68 -20.22
C ASP E 9 6.48 -13.57 -18.99
N LYS E 10 6.67 -14.89 -19.15
CA LYS E 10 6.64 -15.78 -18.00
C LYS E 10 7.76 -15.45 -17.02
N ALA E 11 8.96 -15.16 -17.54
CA ALA E 11 10.07 -14.80 -16.66
C ALA E 11 9.80 -13.48 -15.95
N ALA E 12 9.17 -12.52 -16.63
CA ALA E 12 8.81 -11.26 -16.00
C ALA E 12 7.78 -11.47 -14.90
N VAL E 13 6.81 -12.36 -15.14
CA VAL E 13 5.81 -12.65 -14.12
C VAL E 13 6.47 -13.33 -12.91
N GLU E 14 7.43 -14.21 -13.17
CA GLU E 14 8.17 -14.84 -12.07
C GLU E 14 8.95 -13.81 -11.27
N ARG E 15 9.57 -12.86 -11.96
CA ARG E 15 10.27 -11.76 -11.28
C ARG E 15 9.30 -10.95 -10.43
N SER E 16 8.11 -10.67 -10.96
CA SER E 16 7.10 -9.93 -10.21
C SER E 16 6.66 -10.71 -8.97
N LYS E 17 6.49 -12.02 -9.11
CA LYS E 17 6.11 -12.84 -7.96
C LYS E 17 7.20 -12.84 -6.90
N MET E 18 8.47 -12.92 -7.32
CA MET E 18 9.55 -12.83 -6.35
C MET E 18 9.60 -11.47 -5.67
N ILE E 19 9.35 -10.40 -6.42
CA ILE E 19 9.28 -9.06 -5.82
C ILE E 19 8.14 -9.01 -4.80
N ASP E 20 7.00 -9.62 -5.13
CA ASP E 20 5.88 -9.68 -4.19
C ASP E 20 6.25 -10.42 -2.93
N ARG E 21 6.95 -11.55 -3.06
CA ARG E 21 7.35 -12.32 -1.89
C ARG E 21 8.36 -11.57 -1.03
N ASN E 22 9.27 -10.81 -1.64
CA ASN E 22 10.17 -9.97 -0.86
C ASN E 22 9.44 -8.82 -0.17
N LEU E 23 8.49 -8.19 -0.86
CA LEU E 23 7.72 -7.10 -0.25
C LEU E 23 6.90 -7.61 0.93
N ARG E 24 6.29 -8.78 0.79
CA ARG E 24 5.50 -9.33 1.90
C ARG E 24 6.38 -9.64 3.10
N GLU E 25 7.57 -10.20 2.87
CA GLU E 25 8.48 -10.47 3.97
C GLU E 25 8.93 -9.18 4.66
N ASP E 26 9.25 -8.15 3.87
CA ASP E 26 9.64 -6.87 4.44
C ASP E 26 8.51 -6.26 5.25
N GLY E 27 7.27 -6.35 4.74
CA GLY E 27 6.13 -5.81 5.47
C GLY E 27 5.85 -6.57 6.76
N GLU E 28 6.01 -7.89 6.73
CA GLU E 28 5.85 -8.67 7.96
C GLU E 28 6.92 -8.31 8.98
N LYS E 29 8.15 -8.09 8.51
CA LYS E 29 9.21 -7.64 9.42
C LYS E 29 8.89 -6.27 10.01
N ALA E 30 8.37 -5.35 9.18
CA ALA E 30 8.09 -4.00 9.65
C ALA E 30 6.91 -3.97 10.61
N ALA E 31 5.89 -4.79 10.36
CA ALA E 31 4.67 -4.77 11.17
C ALA E 31 4.92 -5.27 12.59
N ARG E 32 6.04 -5.95 12.84
CA ARG E 32 6.41 -6.39 14.17
C ARG E 32 7.26 -5.36 14.91
N GLU E 33 7.20 -4.10 14.50
CA GLU E 33 8.04 -3.05 15.06
C GLU E 33 7.16 -1.90 15.54
N VAL E 34 7.57 -1.29 16.64
CA VAL E 34 6.78 -0.29 17.34
C VAL E 34 7.13 1.10 16.82
N LYS E 35 6.11 1.89 16.52
CA LYS E 35 6.29 3.24 15.98
C LYS E 35 6.02 4.27 17.06
N LEU E 36 7.02 5.11 17.33
CA LEU E 36 6.92 6.15 18.35
C LEU E 36 7.26 7.49 17.71
N LEU E 37 6.37 8.46 17.85
CA LEU E 37 6.58 9.80 17.31
C LEU E 37 7.03 10.71 18.45
N LEU E 38 8.26 11.18 18.37
CA LEU E 38 8.83 12.02 19.43
C LEU E 38 8.56 13.49 19.13
N LEU E 39 7.99 14.19 20.09
CA LEU E 39 7.60 15.59 19.93
C LEU E 39 7.93 16.37 21.18
N GLY E 40 8.06 17.68 21.02
CA GLY E 40 8.33 18.56 22.13
C GLY E 40 8.76 19.92 21.65
N ALA E 41 8.84 20.85 22.60
CA ALA E 41 9.29 22.20 22.30
C ALA E 41 10.80 22.25 22.28
N GLY E 42 11.33 23.43 21.93
CA GLY E 42 12.76 23.65 21.96
C GLY E 42 13.34 23.49 23.35
N GLU E 43 14.44 22.73 23.46
CA GLU E 43 15.14 22.48 24.71
C GLU E 43 14.25 21.78 25.73
N SER E 44 13.21 21.07 25.25
CA SER E 44 12.30 20.39 26.16
C SER E 44 12.97 19.20 26.84
N GLY E 45 13.85 18.50 26.12
CA GLY E 45 14.48 17.32 26.68
C GLY E 45 14.43 16.11 25.76
N LYS E 46 14.12 16.34 24.48
CA LYS E 46 14.10 15.24 23.52
C LYS E 46 15.49 14.62 23.36
N SER E 47 16.54 15.44 23.44
CA SER E 47 17.90 14.94 23.26
C SER E 47 18.26 13.92 24.34
N THR E 48 17.94 14.22 25.59
CA THR E 48 18.28 13.29 26.67
C THR E 48 17.42 12.04 26.60
N ILE E 49 16.20 12.16 26.09
CA ILE E 49 15.37 10.97 25.88
C ILE E 49 15.99 10.08 24.81
N VAL E 50 16.47 10.68 23.72
CA VAL E 50 17.15 9.92 22.68
C VAL E 50 18.40 9.24 23.25
N LYS E 51 19.14 9.96 24.10
CA LYS E 51 20.32 9.39 24.73
C LYS E 51 19.96 8.19 25.61
N GLN E 52 18.88 8.33 26.40
CA GLN E 52 18.44 7.21 27.24
C GLN E 52 18.03 6.01 26.41
N MET E 53 17.35 6.24 25.28
CA MET E 53 17.00 5.14 24.39
C MET E 53 18.26 4.47 23.83
N LYS E 54 19.27 5.27 23.46
CA LYS E 54 20.50 4.70 22.94
C LYS E 54 21.22 3.86 24.00
N ILE E 55 21.25 4.35 25.25
CA ILE E 55 21.98 3.65 26.30
C ILE E 55 21.38 2.27 26.54
N ILE E 56 20.06 2.18 26.63
CA ILE E 56 19.38 0.90 26.82
C ILE E 56 18.34 0.69 25.73
N GLY E 183 16.91 17.06 8.82
CA GLY E 183 15.54 16.72 8.44
C GLY E 183 14.79 15.99 9.53
N ILE E 184 14.76 14.67 9.43
CA ILE E 184 14.13 13.80 10.41
C ILE E 184 15.16 12.81 10.93
N VAL E 185 15.20 12.63 12.24
CA VAL E 185 16.14 11.71 12.85
C VAL E 185 15.38 10.49 13.36
N GLU E 186 15.88 9.31 13.03
CA GLU E 186 15.24 8.05 13.41
C GLU E 186 16.16 7.30 14.36
N THR E 187 15.60 6.80 15.46
CA THR E 187 16.33 6.03 16.45
C THR E 187 15.74 4.64 16.52
N HIS E 188 16.59 3.62 16.43
CA HIS E 188 16.17 2.24 16.47
C HIS E 188 16.77 1.59 17.71
N PHE E 189 15.94 0.93 18.51
CA PHE E 189 16.47 0.19 19.64
C PHE E 189 15.59 -1.02 19.93
N THR E 190 15.99 -1.79 20.93
CA THR E 190 15.34 -3.06 21.24
C THR E 190 15.20 -3.21 22.75
N PHE E 191 14.04 -3.67 23.20
CA PHE E 191 13.79 -3.93 24.61
C PHE E 191 12.82 -5.10 24.72
N LYS E 192 13.22 -6.13 25.47
CA LYS E 192 12.37 -7.29 25.76
C LYS E 192 11.76 -7.87 24.49
N ASP E 193 12.61 -8.11 23.49
CA ASP E 193 12.22 -8.71 22.22
C ASP E 193 11.18 -7.86 21.48
N LEU E 194 11.17 -6.56 21.73
CA LEU E 194 10.38 -5.61 20.95
C LEU E 194 11.30 -4.58 20.34
N HIS E 195 11.14 -4.33 19.05
CA HIS E 195 11.95 -3.36 18.32
C HIS E 195 11.19 -2.05 18.24
N PHE E 196 11.83 -0.96 18.67
CA PHE E 196 11.22 0.35 18.77
C PHE E 196 11.85 1.28 17.74
N LYS E 197 10.99 1.86 16.91
CA LYS E 197 11.32 2.97 16.02
C LYS E 197 10.88 4.25 16.70
N MET E 198 11.74 5.26 16.71
CA MET E 198 11.43 6.54 17.35
C MET E 198 11.86 7.67 16.41
N PHE E 199 10.87 8.31 15.79
CA PHE E 199 11.12 9.34 14.77
C PHE E 199 11.16 10.70 15.44
N ASP E 200 12.35 11.20 15.72
CA ASP E 200 12.52 12.54 16.28
C ASP E 200 12.48 13.52 15.11
N VAL E 201 11.28 14.02 14.81
CA VAL E 201 11.13 14.97 13.72
C VAL E 201 11.89 16.26 13.96
N GLY E 202 11.91 16.77 15.19
CA GLY E 202 12.80 17.84 15.61
C GLY E 202 12.87 19.04 14.69
N GLY E 203 14.04 19.25 14.10
CA GLY E 203 14.30 20.41 13.27
C GLY E 203 13.62 20.37 11.91
N GLN E 204 12.29 20.33 11.91
CA GLN E 204 11.49 20.38 10.70
C GLN E 204 10.78 21.74 10.69
N ARG E 205 11.46 22.76 10.17
CA ARG E 205 10.91 24.10 10.11
C ARG E 205 9.90 24.18 8.98
N SER E 206 8.67 23.76 9.25
CA SER E 206 7.58 23.78 8.29
C SER E 206 6.27 23.71 9.06
N GLU E 207 5.17 23.91 8.35
CA GLU E 207 3.85 23.82 8.96
C GLU E 207 3.58 22.38 9.37
N ARG E 208 3.18 22.19 10.63
CA ARG E 208 2.98 20.83 11.15
C ARG E 208 1.82 20.13 10.47
N LYS E 209 0.82 20.88 10.00
CA LYS E 209 -0.39 20.27 9.46
C LYS E 209 -0.21 19.78 8.04
N LYS E 210 0.93 20.07 7.40
CA LYS E 210 1.17 19.58 6.05
C LYS E 210 1.88 18.23 6.02
N TRP E 211 2.48 17.82 7.13
CA TRP E 211 3.17 16.53 7.20
C TRP E 211 2.86 15.73 8.46
N ILE E 212 1.97 16.21 9.32
CA ILE E 212 1.66 15.47 10.55
C ILE E 212 0.75 14.29 10.26
N HIS E 213 0.03 14.31 9.14
CA HIS E 213 -0.80 13.17 8.76
C HIS E 213 0.04 11.97 8.36
N CYS E 214 1.32 12.16 8.06
CA CYS E 214 2.18 11.04 7.73
C CYS E 214 2.42 10.14 8.93
N PHE E 215 2.29 10.68 10.14
CA PHE E 215 2.61 9.96 11.36
C PHE E 215 1.40 9.35 12.05
N GLU E 216 0.22 9.37 11.44
CA GLU E 216 -0.90 8.64 12.03
C GLU E 216 -0.65 7.14 11.88
N GLY E 217 -1.15 6.39 12.85
CA GLY E 217 -0.90 4.96 12.87
C GLY E 217 0.32 4.55 13.67
N VAL E 218 1.11 5.50 14.16
CA VAL E 218 2.21 5.16 15.04
C VAL E 218 1.66 4.56 16.32
N THR E 219 2.45 3.68 16.95
CA THR E 219 1.99 3.04 18.17
C THR E 219 1.76 4.06 19.28
N ALA E 220 2.66 5.02 19.42
CA ALA E 220 2.50 6.00 20.49
C ALA E 220 3.19 7.31 20.14
N ILE E 221 2.84 8.34 20.90
CA ILE E 221 3.47 9.65 20.81
C ILE E 221 4.17 9.94 22.13
N ILE E 222 5.43 10.36 22.03
CA ILE E 222 6.27 10.64 23.19
C ILE E 222 6.48 12.15 23.22
N PHE E 223 5.76 12.83 24.10
CA PHE E 223 5.84 14.28 24.23
C PHE E 223 6.76 14.63 25.40
N CYS E 224 7.71 15.54 25.16
CA CYS E 224 8.67 15.94 26.17
C CYS E 224 8.33 17.31 26.70
N VAL E 225 8.31 17.45 28.03
CA VAL E 225 8.04 18.71 28.70
C VAL E 225 9.17 19.00 29.66
N ALA E 226 9.73 20.20 29.59
CA ALA E 226 10.75 20.65 30.53
C ALA E 226 10.06 21.41 31.66
N LEU E 227 10.12 20.86 32.87
CA LEU E 227 9.50 21.52 34.02
C LEU E 227 10.14 22.87 34.29
N SER E 228 11.47 22.95 34.19
CA SER E 228 12.19 24.19 34.44
C SER E 228 11.78 25.31 33.49
N ASP E 229 10.98 25.01 32.47
CA ASP E 229 10.48 26.03 31.55
C ASP E 229 9.24 26.74 32.08
N TYR E 230 8.78 26.40 33.28
CA TYR E 230 7.57 27.03 33.79
C TYR E 230 7.76 28.52 34.10
N ASP E 231 9.01 28.97 34.30
CA ASP E 231 9.29 30.37 34.54
C ASP E 231 10.30 30.92 33.54
N LEU E 232 10.25 30.43 32.32
CA LEU E 232 11.16 30.90 31.33
C LEU E 232 10.26 31.56 30.36
N VAL E 233 10.37 32.86 30.27
CA VAL E 233 9.52 33.65 29.41
C VAL E 233 9.61 33.53 27.93
N LEU E 234 10.79 33.54 27.36
CA LEU E 234 10.88 33.52 25.91
C LEU E 234 10.24 32.28 25.46
N ALA E 235 9.47 32.35 24.38
CA ALA E 235 8.94 31.13 23.73
C ALA E 235 9.89 30.89 22.56
N GLU E 236 9.42 31.08 21.33
CA GLU E 236 10.40 31.09 20.21
C GLU E 236 11.15 32.42 20.40
N ASP E 237 10.40 33.52 20.46
CA ASP E 237 10.97 34.85 20.78
C ASP E 237 9.77 35.74 21.12
N GLU E 238 8.56 35.18 21.10
CA GLU E 238 7.33 35.96 21.34
C GLU E 238 7.29 36.66 22.71
N GLU E 239 8.15 36.29 23.65
CA GLU E 239 8.13 36.86 25.04
C GLU E 239 6.82 36.51 25.79
N MET E 240 6.27 35.32 25.53
CA MET E 240 5.04 34.74 26.23
C MET E 240 5.63 33.39 26.71
N ASN E 241 5.44 33.08 28.01
CA ASN E 241 5.87 31.90 28.83
C ASN E 241 6.10 30.50 28.17
N ARG E 242 7.27 29.85 28.31
CA ARG E 242 7.56 28.66 27.51
C ARG E 242 6.64 27.51 27.87
N MET E 243 6.26 27.41 29.14
CA MET E 243 5.34 26.35 29.56
C MET E 243 3.98 26.50 28.90
N HIS E 244 3.51 27.74 28.73
CA HIS E 244 2.25 27.97 28.03
C HIS E 244 2.35 27.54 26.57
N GLU E 245 3.49 27.81 25.92
CA GLU E 245 3.68 27.36 24.55
C GLU E 245 3.72 25.84 24.47
N SER E 246 4.38 25.18 25.44
CA SER E 246 4.40 23.72 25.47
C SER E 246 3.00 23.16 25.66
N MET E 247 2.21 23.77 26.54
CA MET E 247 0.83 23.33 26.73
C MET E 247 0.01 23.53 25.47
N LYS E 248 0.23 24.65 24.77
CA LYS E 248 -0.48 24.88 23.51
C LYS E 248 -0.11 23.82 22.47
N LEU E 249 1.16 23.47 22.37
CA LEU E 249 1.58 22.42 21.44
C LEU E 249 0.97 21.07 21.83
N PHE E 250 0.95 20.77 23.13
CA PHE E 250 0.40 19.51 23.62
C PHE E 250 -1.08 19.43 23.31
N ASP E 251 -1.80 20.53 23.49
CA ASP E 251 -3.22 20.61 23.19
C ASP E 251 -3.42 20.42 21.69
N SER E 252 -2.55 21.05 20.89
CA SER E 252 -2.69 20.97 19.44
C SER E 252 -2.53 19.54 18.94
N ILE E 253 -1.53 18.82 19.47
CA ILE E 253 -1.26 17.48 18.95
C ILE E 253 -2.20 16.46 19.57
N CYS E 254 -2.53 16.62 20.85
CA CYS E 254 -3.40 15.64 21.52
C CYS E 254 -4.81 15.69 20.96
N ASN E 255 -5.32 16.89 20.70
CA ASN E 255 -6.65 17.06 20.13
C ASN E 255 -6.64 17.06 18.61
N ASN E 256 -5.48 16.80 17.99
CA ASN E 256 -5.39 16.76 16.53
C ASN E 256 -6.29 15.66 15.98
N LYS E 257 -6.89 15.94 14.82
CA LYS E 257 -7.83 14.99 14.22
C LYS E 257 -7.16 13.69 13.81
N TRP E 258 -5.86 13.73 13.46
CA TRP E 258 -5.19 12.51 13.03
C TRP E 258 -4.90 11.59 14.22
N PHE E 259 -4.46 12.15 15.34
CA PHE E 259 -4.15 11.39 16.54
C PHE E 259 -5.34 11.30 17.48
N THR E 260 -6.49 10.87 16.97
CA THR E 260 -7.69 10.79 17.81
C THR E 260 -7.64 9.58 18.73
N ASP E 261 -6.89 8.53 18.34
CA ASP E 261 -6.80 7.32 19.15
C ASP E 261 -5.40 7.05 19.67
N THR E 262 -4.37 7.69 19.11
CA THR E 262 -3.01 7.46 19.55
C THR E 262 -2.83 7.95 20.99
N SER E 263 -2.20 7.12 21.81
CA SER E 263 -2.00 7.41 23.22
C SER E 263 -0.72 8.20 23.42
N ILE E 264 -0.83 9.32 24.12
CA ILE E 264 0.35 10.14 24.40
C ILE E 264 1.13 9.55 25.57
N ILE E 265 2.46 9.63 25.47
CA ILE E 265 3.35 9.21 26.55
C ILE E 265 4.07 10.48 27.01
N LEU E 266 3.54 11.13 28.03
CA LEU E 266 4.02 12.44 28.47
C LEU E 266 5.24 12.25 29.36
N PHE E 267 6.32 12.95 29.04
CA PHE E 267 7.55 12.90 29.81
C PHE E 267 7.78 14.27 30.46
N LEU E 268 7.81 14.30 31.79
CA LEU E 268 8.06 15.54 32.53
C LEU E 268 9.56 15.58 32.87
N ASN E 269 10.35 16.06 31.92
CA ASN E 269 11.80 16.04 32.06
C ASN E 269 12.26 17.12 33.04
N LYS E 270 13.54 17.02 33.41
CA LYS E 270 14.21 18.01 34.25
C LYS E 270 13.53 18.17 35.61
N LYS E 271 13.19 17.05 36.25
CA LYS E 271 12.58 17.13 37.57
C LYS E 271 13.56 17.60 38.63
N ASP E 272 14.86 17.33 38.44
CA ASP E 272 15.86 17.76 39.42
C ASP E 272 16.00 19.27 39.43
N LEU E 273 16.01 19.88 38.24
CA LEU E 273 16.05 21.35 38.17
C LEU E 273 14.80 21.98 38.76
N PHE E 274 13.64 21.39 38.48
CA PHE E 274 12.38 21.93 38.99
C PHE E 274 12.30 21.81 40.50
N GLU E 275 12.85 20.73 41.06
CA GLU E 275 12.80 20.54 42.51
C GLU E 275 13.52 21.65 43.25
N GLU E 276 14.49 22.30 42.60
CA GLU E 276 15.16 23.45 43.18
C GLU E 276 14.56 24.77 42.74
N LYS E 277 14.01 24.83 41.52
CA LYS E 277 13.38 26.06 41.05
C LYS E 277 12.13 26.39 41.85
N ILE E 278 11.31 25.38 42.16
CA ILE E 278 10.03 25.64 42.82
C ILE E 278 10.24 26.11 44.25
N LYS E 279 11.40 25.81 44.85
CA LYS E 279 11.67 26.24 46.21
C LYS E 279 11.76 27.76 46.31
N LYS E 280 12.39 28.40 45.32
CA LYS E 280 12.59 29.84 45.34
C LYS E 280 11.73 30.59 44.34
N SER E 281 11.26 29.93 43.29
CA SER E 281 10.42 30.57 42.26
C SER E 281 9.02 29.98 42.31
N PRO E 282 8.03 30.72 42.80
CA PRO E 282 6.68 30.15 42.94
C PRO E 282 6.06 29.81 41.60
N LEU E 283 5.21 28.78 41.61
CA LEU E 283 4.52 28.33 40.40
C LEU E 283 3.47 29.33 39.92
N THR E 284 3.09 30.31 40.74
CA THR E 284 2.07 31.27 40.35
C THR E 284 2.50 32.12 39.16
N ILE E 285 3.79 32.15 38.84
CA ILE E 285 4.27 32.86 37.66
C ILE E 285 3.65 32.26 36.40
N CYS E 286 3.62 30.93 36.32
CA CYS E 286 3.01 30.25 35.19
C CYS E 286 1.52 30.06 35.35
N TYR E 287 1.07 29.71 36.55
CA TYR E 287 -0.36 29.46 36.82
C TYR E 287 -0.83 30.41 37.90
N PRO E 288 -1.42 31.55 37.54
CA PRO E 288 -1.85 32.51 38.56
C PRO E 288 -2.94 31.98 39.50
N GLU E 289 -3.67 30.95 39.08
CA GLU E 289 -4.74 30.38 39.89
C GLU E 289 -4.28 29.26 40.80
N TYR E 290 -2.97 28.98 40.85
CA TYR E 290 -2.46 27.91 41.71
C TYR E 290 -2.55 28.34 43.17
N ALA E 291 -3.41 27.66 43.93
CA ALA E 291 -3.62 27.98 45.33
C ALA E 291 -2.87 27.05 46.28
N GLY E 292 -2.11 26.10 45.75
CA GLY E 292 -1.36 25.18 46.59
C GLY E 292 -0.06 25.78 47.09
N SER E 293 0.69 24.96 47.81
CA SER E 293 1.97 25.38 48.38
C SER E 293 3.11 25.10 47.41
N ASN E 294 4.25 25.73 47.68
CA ASN E 294 5.43 25.60 46.84
C ASN E 294 6.31 24.43 47.31
N THR E 295 5.82 23.23 47.05
CA THR E 295 6.55 22.00 47.29
C THR E 295 6.65 21.21 46.00
N TYR E 296 7.60 20.28 45.95
CA TYR E 296 7.77 19.47 44.74
C TYR E 296 6.51 18.67 44.42
N GLU E 297 5.97 17.95 45.39
CA GLU E 297 4.89 17.01 45.10
C GLU E 297 3.64 17.75 44.63
N GLU E 298 3.22 18.78 45.36
CA GLU E 298 2.00 19.48 45.02
C GLU E 298 2.11 20.20 43.68
N ALA E 299 3.20 20.92 43.47
CA ALA E 299 3.37 21.66 42.21
C ALA E 299 3.49 20.70 41.03
N ALA E 300 4.23 19.60 41.20
CA ALA E 300 4.37 18.63 40.12
C ALA E 300 3.05 17.98 39.78
N ALA E 301 2.26 17.61 40.80
CA ALA E 301 0.94 17.05 40.56
C ALA E 301 0.05 18.07 39.86
N TYR E 302 0.15 19.34 40.26
CA TYR E 302 -0.65 20.38 39.60
C TYR E 302 -0.28 20.51 38.13
N ILE E 303 1.01 20.51 37.82
CA ILE E 303 1.44 20.63 36.43
C ILE E 303 0.97 19.43 35.62
N GLN E 304 1.08 18.22 36.19
CA GLN E 304 0.60 17.03 35.50
C GLN E 304 -0.90 17.11 35.25
N CYS E 305 -1.66 17.58 36.25
N CYS E 305 -1.66 17.58 36.25
CA CYS E 305 -3.11 17.69 36.09
CA CYS E 305 -3.11 17.69 36.09
C CYS E 305 -3.46 18.72 35.02
C CYS E 305 -3.46 18.72 35.02
N GLN E 306 -2.75 19.85 34.99
CA GLN E 306 -3.01 20.87 33.96
C GLN E 306 -2.71 20.32 32.58
N PHE E 307 -1.62 19.57 32.43
CA PHE E 307 -1.32 18.97 31.13
C PHE E 307 -2.37 17.94 30.74
N GLU E 308 -2.84 17.14 31.70
CA GLU E 308 -3.80 16.08 31.37
C GLU E 308 -5.19 16.65 31.09
N ASP E 309 -5.52 17.81 31.67
CA ASP E 309 -6.83 18.41 31.43
C ASP E 309 -6.96 18.93 30.00
N LEU E 310 -5.83 19.21 29.34
CA LEU E 310 -5.88 19.63 27.94
C LEU E 310 -6.38 18.51 27.04
N ASN E 311 -6.37 17.27 27.52
CA ASN E 311 -6.90 16.15 26.75
C ASN E 311 -8.41 16.24 26.70
N LYS E 312 -8.96 16.30 25.49
CA LYS E 312 -10.41 16.28 25.29
C LYS E 312 -10.91 14.93 24.80
N ARG E 313 -10.02 14.06 24.32
CA ARG E 313 -10.38 12.71 23.91
C ARG E 313 -10.15 11.72 25.06
N LYS E 314 -10.88 11.95 26.15
CA LYS E 314 -10.69 11.15 27.35
C LYS E 314 -10.99 9.68 27.11
N ASP E 315 -12.09 9.39 26.41
CA ASP E 315 -12.51 8.00 26.25
C ASP E 315 -11.65 7.25 25.23
N THR E 316 -11.27 7.90 24.13
CA THR E 316 -10.56 7.21 23.06
C THR E 316 -9.09 6.94 23.36
N LYS E 317 -8.42 7.83 24.10
CA LYS E 317 -6.98 7.69 24.31
C LYS E 317 -6.66 7.87 25.79
N GLU E 318 -5.47 7.39 26.15
CA GLU E 318 -4.94 7.51 27.50
C GLU E 318 -3.61 8.24 27.46
N ILE E 319 -3.30 8.95 28.54
CA ILE E 319 -2.05 9.70 28.66
C ILE E 319 -1.23 9.06 29.77
N TYR E 320 -0.03 8.61 29.43
CA TYR E 320 0.87 7.96 30.38
C TYR E 320 1.93 8.97 30.80
N THR E 321 1.88 9.38 32.06
CA THR E 321 2.76 10.41 32.59
C THR E 321 3.88 9.78 33.40
N HIS E 322 5.12 10.14 33.08
CA HIS E 322 6.29 9.66 33.80
C HIS E 322 7.19 10.84 34.12
N PHE E 323 7.73 10.88 35.34
CA PHE E 323 8.57 11.98 35.79
C PHE E 323 10.03 11.55 35.70
N THR E 324 10.66 11.97 34.61
CA THR E 324 12.05 11.59 34.35
C THR E 324 12.99 12.67 34.87
N CYS E 325 14.29 12.39 34.77
CA CYS E 325 15.33 13.32 35.19
C CYS E 325 16.50 13.17 34.22
N ALA E 326 17.61 13.81 34.56
CA ALA E 326 18.79 13.75 33.69
C ALA E 326 19.46 12.39 33.74
N THR E 327 19.51 11.77 34.93
CA THR E 327 20.34 10.60 35.15
C THR E 327 19.56 9.36 35.58
N ASP E 328 18.24 9.33 35.38
CA ASP E 328 17.48 8.13 35.71
C ASP E 328 17.58 7.11 34.58
N THR E 329 17.37 5.84 34.92
CA THR E 329 17.57 4.75 33.97
C THR E 329 16.33 3.89 33.75
N LYS E 330 15.17 4.31 34.26
CA LYS E 330 13.94 3.54 34.13
C LYS E 330 13.05 4.04 33.01
N ASN E 331 13.55 4.94 32.16
CA ASN E 331 12.72 5.53 31.12
C ASN E 331 12.34 4.51 30.04
N VAL E 332 13.30 3.69 29.62
CA VAL E 332 13.02 2.70 28.57
C VAL E 332 12.04 1.67 29.07
N GLN E 333 12.10 1.30 30.36
CA GLN E 333 11.12 0.38 30.93
C GLN E 333 9.72 0.98 30.90
N PHE E 334 9.61 2.28 31.21
CA PHE E 334 8.30 2.92 31.15
C PHE E 334 7.77 2.98 29.73
N VAL E 335 8.65 3.27 28.77
CA VAL E 335 8.21 3.23 27.36
C VAL E 335 7.76 1.82 27.00
N PHE E 336 8.51 0.81 27.42
CA PHE E 336 8.18 -0.57 27.11
C PHE E 336 6.79 -0.95 27.64
N ASP E 337 6.55 -0.70 28.94
CA ASP E 337 5.29 -1.19 29.50
C ASP E 337 4.12 -0.30 29.10
N ALA E 338 4.35 0.98 28.82
CA ALA E 338 3.29 1.81 28.25
C ALA E 338 2.90 1.31 26.86
N VAL E 339 3.89 0.95 26.04
CA VAL E 339 3.58 0.38 24.74
C VAL E 339 2.88 -0.97 24.89
N THR E 340 3.26 -1.75 25.90
CA THR E 340 2.58 -3.02 26.15
C THR E 340 1.11 -2.78 26.50
N ASP E 341 0.83 -1.77 27.32
CA ASP E 341 -0.55 -1.41 27.63
C ASP E 341 -1.30 -0.97 26.38
N VAL E 342 -0.65 -0.18 25.52
CA VAL E 342 -1.30 0.25 24.28
C VAL E 342 -1.59 -0.96 23.39
N ILE E 343 -0.68 -1.93 23.34
CA ILE E 343 -0.89 -3.12 22.52
C ILE E 343 -2.05 -3.95 23.08
N ILE E 344 -2.13 -4.08 24.41
CA ILE E 344 -3.24 -4.81 25.01
C ILE E 344 -4.55 -4.12 24.70
N LYS E 345 -4.58 -2.79 24.81
CA LYS E 345 -5.77 -2.03 24.46
C LYS E 345 -6.17 -2.23 23.00
N ASN E 346 -5.19 -2.19 22.08
CA ASN E 346 -5.50 -2.37 20.67
C ASN E 346 -6.00 -3.77 20.38
N ASN E 347 -5.43 -4.78 21.05
CA ASN E 347 -5.91 -6.15 20.89
C ASN E 347 -7.34 -6.29 21.40
N LEU E 348 -7.66 -5.65 22.52
CA LEU E 348 -9.03 -5.68 23.04
C LEU E 348 -9.98 -4.98 22.08
N LYS E 349 -9.52 -3.93 21.43
CA LYS E 349 -10.40 -3.20 20.50
C LYS E 349 -10.59 -4.05 19.25
N ASP E 350 -9.57 -4.80 18.83
CA ASP E 350 -9.73 -5.69 17.68
C ASP E 350 -10.68 -6.84 17.99
N CYS E 351 -10.57 -7.42 19.19
CA CYS E 351 -11.51 -8.45 19.59
C CYS E 351 -12.89 -7.87 19.88
N GLY E 352 -12.95 -6.62 20.31
CA GLY E 352 -14.19 -5.99 20.69
C GLY E 352 -14.53 -6.12 22.16
N LEU E 353 -13.67 -6.78 22.91
CA LEU E 353 -13.88 -6.88 24.38
C LEU E 353 -13.66 -5.50 25.00
N PHE E 354 -13.46 -4.47 24.18
CA PHE E 354 -13.24 -3.09 24.66
C PHE E 354 -13.28 -2.10 23.49
C11 7I4 F . -36.19 -29.50 20.62
C15 7I4 F . -40.51 -30.22 20.62
C16 7I4 F . -42.02 -30.51 20.74
C18 7I4 F . -44.02 -30.39 19.94
C19 7I4 F . -44.39 -31.76 19.89
C20 7I4 F . -44.91 -32.22 21.38
O21 7I4 F . -45.79 -31.62 22.03
C23 7I4 F . -43.04 -32.15 19.72
C24 7I4 F . -39.99 -29.35 19.73
C26 7I4 F . -38.62 -29.03 19.61
C01 7I4 F . -26.43 -27.46 21.44
C02 7I4 F . -27.13 -28.51 20.60
C03 7I4 F . -26.01 -29.54 20.36
C04 7I4 F . -28.16 -29.18 21.53
C05 7I4 F . -29.68 -29.07 21.20
C06 7I4 F . -30.50 -29.88 21.95
C07 7I4 F . -31.88 -29.86 21.74
C08 7I4 F . -32.48 -29.07 20.78
C09 7I4 F . -34.01 -29.22 20.74
N10 7I4 F . -35.05 -29.32 19.86
C12 7I4 F . -37.73 -29.67 20.48
C13 7I4 F . -38.29 -30.54 21.42
C14 7I4 F . -39.64 -30.81 21.49
N17 7I4 F . -42.65 -30.79 19.81
O22 7I4 F . -44.43 -33.23 21.94
F25 7I4 F . -40.91 -28.82 18.95
N27 7I4 F . -35.80 -29.52 21.87
O28 7I4 F . -34.52 -29.37 21.91
C29 7I4 F . -31.64 -28.23 20.06
C30 7I4 F . -30.27 -28.26 20.28
#